data_3JQ8
#
_entry.id   3JQ8
#
_cell.length_a   74.097
_cell.length_b   89.154
_cell.length_c   84.187
_cell.angle_alpha   90.000
_cell.angle_beta   115.490
_cell.angle_gamma   90.000
#
_symmetry.space_group_name_H-M   'P 1 21 1'
#
loop_
_entity.id
_entity.type
_entity.pdbx_description
1 polymer 'Pteridine reductase 1'
2 polymer 'Pteridine reductase 1'
3 non-polymer 'NADP NICOTINAMIDE-ADENINE-DINUCLEOTIDE PHOSPHATE'
4 non-polymer 6,7,7-trimethyl-7,8-dihydropteridine-2,4-diamine
5 non-polymer 2,3-DIHYDROXY-1,4-DITHIOBUTANE
6 water water
#
loop_
_entity_poly.entity_id
_entity_poly.type
_entity_poly.pdbx_seq_one_letter_code
_entity_poly.pdbx_strand_id
1 'polypeptide(L)'
;MGSSHHHHHHSSGLVPRGSHMEAPAAVVTGAAKRIGRAIAVKLHQTGYRVVIHYHNSAEAAVSLADELNKERSNTAVVCQ
ADLTNSNVLPASCEEIINSCFRAFGRCDVLVNNASAFYPTPLVQGDHEDNSNGKTVETQVAELIGTNAIAPFLLTMSFAQ
RQKGTNPNCTSSNLSIVNLCDAMVDQPCMAFSLYNMGKHALVGLTQSAALELAPYGIRVNGVAPGVSLLPVAMGEEEKDK
WRRKVPLGRREASAEQIADAVIFLVSGSAQYITGSIIKVDGGLSLVHA
;
A
2 'polypeptide(L)'
;MGSSHHHHHHSSGLVPRGSHMEAPAAVVTGAAKRIGRAIAVKLHQTGYRVVIHYHNSAEAAVSLADELNKERSNTAVVCQ
ADLTNSNVLPASCEEIINSCFRAFGRCDVLVNNASAFYPTPLVQGDHEDNSNGKTVETQVAELIGTNAIAPFLLTMSFAQ
RQKGTNPNCTSSNLSIVNLCDAMVDQP(CSX)MAFSLYNMGKHALVGLTQSAALELAPYGIRVNGVAPGVSLLPVAMGEE
EKDKWRRKVPLGRREASAEQIADAVIFLVSGSAQYITGSIIKVDGGLSLVHA
;
B,C,D
#
loop_
_chem_comp.id
_chem_comp.type
_chem_comp.name
_chem_comp.formula
DTT non-polymer 2,3-DIHYDROXY-1,4-DITHIOBUTANE 'C4 H10 O2 S2'
DX3 non-polymer 6,7,7-trimethyl-7,8-dihydropteridine-2,4-diamine 'C9 H14 N6'
NAP non-polymer 'NADP NICOTINAMIDE-ADENINE-DINUCLEOTIDE PHOSPHATE' 'C21 H28 N7 O17 P3'
#
# COMPACT_ATOMS: atom_id res chain seq x y z
N GLU A 22 1.11 34.89 -21.66
CA GLU A 22 2.00 35.32 -20.54
C GLU A 22 2.61 34.13 -19.81
N ALA A 23 3.63 34.39 -18.99
CA ALA A 23 4.30 33.36 -18.20
C ALA A 23 3.39 32.84 -17.09
N PRO A 24 3.40 31.51 -16.86
CA PRO A 24 2.61 30.92 -15.79
C PRO A 24 3.17 31.26 -14.40
N ALA A 25 2.31 31.20 -13.39
CA ALA A 25 2.69 31.56 -12.03
C ALA A 25 2.53 30.40 -11.06
N ALA A 26 3.46 30.33 -10.09
CA ALA A 26 3.50 29.23 -9.13
C ALA A 26 3.71 29.71 -7.69
N VAL A 27 3.03 29.06 -6.76
CA VAL A 27 3.26 29.29 -5.33
C VAL A 27 4.05 28.12 -4.75
N VAL A 28 5.15 28.46 -4.08
CA VAL A 28 5.96 27.46 -3.37
C VAL A 28 6.06 27.85 -1.90
N THR A 29 5.48 27.00 -1.04
CA THR A 29 5.50 27.24 0.40
C THR A 29 6.82 26.80 0.99
N GLY A 30 7.30 27.55 1.97
CA GLY A 30 8.62 27.30 2.56
C GLY A 30 9.70 27.25 1.49
N ALA A 31 9.76 28.28 0.65
CA ALA A 31 10.68 28.32 -0.49
C ALA A 31 11.99 29.08 -0.26
N ALA A 32 12.21 29.58 0.96
CA ALA A 32 13.38 30.41 1.24
C ALA A 32 14.71 29.67 1.15
N LYS A 33 14.72 28.40 1.54
CA LYS A 33 15.94 27.58 1.44
C LYS A 33 15.69 26.10 1.16
N ARG A 34 16.78 25.38 0.90
CA ARG A 34 16.77 23.93 0.71
C ARG A 34 15.87 23.47 -0.44
N ILE A 35 15.15 22.37 -0.23
CA ILE A 35 14.26 21.80 -1.26
C ILE A 35 13.28 22.82 -1.85
N GLY A 36 12.62 23.58 -0.98
CA GLY A 36 11.68 24.63 -1.41
C GLY A 36 12.34 25.64 -2.33
N ARG A 37 13.54 26.06 -1.99
CA ARG A 37 14.32 26.98 -2.83
C ARG A 37 14.63 26.38 -4.20
N ALA A 38 15.08 25.12 -4.20
CA ALA A 38 15.41 24.40 -5.43
C ALA A 38 14.22 24.29 -6.39
N ILE A 39 13.03 24.01 -5.84
CA ILE A 39 11.79 23.95 -6.59
C ILE A 39 11.46 25.32 -7.20
N ALA A 40 11.53 26.38 -6.38
CA ALA A 40 11.29 27.75 -6.85
C ALA A 40 12.29 28.17 -7.92
N VAL A 41 13.57 27.86 -7.69
CA VAL A 41 14.64 28.19 -8.65
C VAL A 41 14.42 27.45 -9.97
N LYS A 42 14.06 26.17 -9.88
CA LYS A 42 13.89 25.34 -11.07
C LYS A 42 12.61 25.69 -11.83
N LEU A 43 11.51 25.95 -11.11
CA LEU A 43 10.29 26.43 -11.73
C LEU A 43 10.50 27.77 -12.44
N HIS A 44 11.19 28.69 -11.77
CA HIS A 44 11.54 29.98 -12.37
C HIS A 44 12.43 29.79 -13.60
N GLN A 45 13.38 28.86 -13.51
CA GLN A 45 14.26 28.53 -14.63
C GLN A 45 13.50 27.98 -15.84
N THR A 46 12.37 27.32 -15.57
CA THR A 46 11.52 26.75 -16.61
C THR A 46 10.63 27.82 -17.27
N GLY A 47 10.50 28.96 -16.62
CA GLY A 47 9.73 30.09 -17.18
C GLY A 47 8.57 30.54 -16.31
N TYR A 48 8.57 30.09 -15.06
CA TYR A 48 7.51 30.43 -14.12
C TYR A 48 7.82 31.71 -13.34
N ARG A 49 6.77 32.44 -13.03
CA ARG A 49 6.86 33.51 -12.04
C ARG A 49 6.49 32.89 -10.69
N VAL A 50 7.15 33.32 -9.63
CA VAL A 50 7.02 32.61 -8.35
C VAL A 50 6.70 33.47 -7.13
N VAL A 51 5.75 32.98 -6.34
CA VAL A 51 5.50 33.48 -5.00
C VAL A 51 6.36 32.65 -4.05
N ILE A 52 7.32 33.31 -3.41
CA ILE A 52 8.18 32.67 -2.43
C ILE A 52 7.55 32.82 -1.05
N HIS A 53 6.98 31.74 -0.53
CA HIS A 53 6.47 31.74 0.84
C HIS A 53 7.58 31.37 1.81
N TYR A 54 7.58 32.05 2.96
CA TYR A 54 8.51 31.75 4.04
C TYR A 54 7.81 32.03 5.36
N HIS A 55 8.32 31.44 6.43
CA HIS A 55 7.85 31.72 7.77
C HIS A 55 8.83 32.59 8.57
N ASN A 56 10.02 32.04 8.87
CA ASN A 56 11.04 32.78 9.62
C ASN A 56 12.23 33.26 8.78
N SER A 57 12.49 32.59 7.65
CA SER A 57 13.66 32.91 6.83
C SER A 57 13.46 34.13 5.89
N ALA A 58 13.30 35.30 6.50
CA ALA A 58 13.02 36.54 5.77
C ALA A 58 14.18 36.96 4.88
N GLU A 59 15.38 36.99 5.45
CA GLU A 59 16.57 37.41 4.71
C GLU A 59 16.87 36.48 3.53
N ALA A 60 16.57 35.18 3.70
CA ALA A 60 16.78 34.19 2.65
C ALA A 60 15.77 34.28 1.51
N ALA A 61 14.50 34.54 1.85
CA ALA A 61 13.43 34.67 0.86
C ALA A 61 13.58 35.94 0.02
N VAL A 62 13.83 37.06 0.70
CA VAL A 62 14.02 38.34 0.04
C VAL A 62 15.26 38.28 -0.84
N SER A 63 16.32 37.66 -0.32
CA SER A 63 17.55 37.41 -1.07
C SER A 63 17.32 36.59 -2.35
N LEU A 64 16.46 35.57 -2.27
CA LEU A 64 16.08 34.76 -3.43
C LEU A 64 15.26 35.56 -4.42
N ALA A 65 14.32 36.35 -3.90
CA ALA A 65 13.47 37.22 -4.72
C ALA A 65 14.31 38.15 -5.59
N ASP A 66 15.25 38.86 -4.95
CA ASP A 66 16.22 39.70 -5.65
C ASP A 66 16.95 38.94 -6.77
N GLU A 67 17.52 37.79 -6.41
CA GLU A 67 18.28 36.95 -7.34
C GLU A 67 17.50 36.54 -8.59
N LEU A 68 16.26 36.10 -8.39
CA LEU A 68 15.41 35.67 -9.51
C LEU A 68 14.91 36.86 -10.34
N ASN A 69 14.62 37.97 -9.67
CA ASN A 69 14.20 39.20 -10.35
C ASN A 69 15.33 39.85 -11.16
N LYS A 70 16.56 39.66 -10.69
CA LYS A 70 17.77 40.06 -11.44
C LYS A 70 17.85 39.29 -12.77
N GLU A 71 17.43 38.03 -12.74
CA GLU A 71 17.43 37.18 -13.94
C GLU A 71 16.32 37.60 -14.91
N ARG A 72 15.10 37.74 -14.40
CA ARG A 72 13.95 38.21 -15.17
C ARG A 72 13.09 39.14 -14.30
N SER A 73 12.95 40.38 -14.75
CA SER A 73 12.20 41.40 -14.00
CA SER A 73 12.21 41.39 -13.99
C SER A 73 10.76 40.98 -13.74
N ASN A 74 10.27 41.30 -12.53
CA ASN A 74 8.89 41.04 -12.11
C ASN A 74 8.42 39.59 -12.21
N THR A 75 9.25 38.67 -11.75
CA THR A 75 8.93 37.25 -11.80
C THR A 75 9.02 36.59 -10.41
N ALA A 76 9.33 37.38 -9.39
CA ALA A 76 9.46 36.86 -8.04
C ALA A 76 8.94 37.84 -6.99
N VAL A 77 8.15 37.30 -6.06
CA VAL A 77 7.67 38.04 -4.91
C VAL A 77 7.76 37.14 -3.69
N VAL A 78 7.71 37.73 -2.50
CA VAL A 78 7.66 36.96 -1.25
C VAL A 78 6.31 37.10 -0.55
N CYS A 79 5.94 36.08 0.22
CA CYS A 79 4.75 36.12 1.07
C CYS A 79 5.00 35.44 2.41
N GLN A 80 4.84 36.20 3.49
CA GLN A 80 5.08 35.67 4.83
C GLN A 80 3.80 35.12 5.44
N ALA A 81 3.88 33.92 5.98
CA ALA A 81 2.77 33.32 6.73
C ALA A 81 3.19 32.16 7.65
N ASP A 82 2.59 32.13 8.84
CA ASP A 82 2.63 30.97 9.70
C ASP A 82 1.55 30.01 9.18
N LEU A 83 1.93 28.74 9.02
CA LEU A 83 1.00 27.74 8.51
C LEU A 83 0.61 26.76 9.61
N THR A 84 0.94 27.12 10.85
CA THR A 84 0.47 26.43 12.04
C THR A 84 -1.05 26.49 12.07
N ASN A 85 -1.69 25.37 12.41
CA ASN A 85 -3.14 25.32 12.42
C ASN A 85 -3.76 26.25 13.46
N SER A 86 -4.74 27.05 13.02
CA SER A 86 -5.45 27.97 13.90
C SER A 86 -6.72 28.48 13.23
N ASN A 87 -7.50 29.29 13.96
CA ASN A 87 -8.71 29.92 13.41
C ASN A 87 -8.43 30.95 12.32
N VAL A 88 -7.21 31.46 12.28
CA VAL A 88 -6.80 32.43 11.25
C VAL A 88 -6.08 31.79 10.04
N LEU A 89 -5.89 30.47 10.09
CA LEU A 89 -5.17 29.78 9.01
C LEU A 89 -5.90 29.76 7.65
N PRO A 90 -7.24 29.51 7.64
CA PRO A 90 -7.94 29.64 6.36
C PRO A 90 -7.71 30.99 5.64
N ALA A 91 -7.80 32.10 6.38
CA ALA A 91 -7.52 33.42 5.83
C ALA A 91 -6.05 33.59 5.41
N SER A 92 -5.14 33.00 6.18
CA SER A 92 -3.72 33.02 5.85
C SER A 92 -3.42 32.34 4.51
N CYS A 93 -4.03 31.18 4.30
CA CYS A 93 -3.81 30.39 3.08
C CYS A 93 -4.46 31.05 1.87
N GLU A 94 -5.63 31.65 2.10
CA GLU A 94 -6.32 32.45 1.08
C GLU A 94 -5.45 33.61 0.58
N GLU A 95 -4.74 34.26 1.50
CA GLU A 95 -3.92 35.42 1.15
C GLU A 95 -2.60 35.04 0.45
N ILE A 96 -2.09 33.85 0.74
CA ILE A 96 -0.94 33.31 0.03
C ILE A 96 -1.27 33.12 -1.45
N ILE A 97 -2.42 32.49 -1.73
CA ILE A 97 -2.90 32.31 -3.11
C ILE A 97 -3.20 33.66 -3.77
N ASN A 98 -3.75 34.59 -2.98
CA ASN A 98 -4.04 35.94 -3.45
C ASN A 98 -2.81 36.76 -3.85
N SER A 99 -1.70 36.56 -3.13
CA SER A 99 -0.44 37.24 -3.44
CA SER A 99 -0.43 37.22 -3.43
C SER A 99 0.06 36.88 -4.85
N CYS A 100 -0.24 35.67 -5.30
CA CYS A 100 0.10 35.22 -6.65
C CYS A 100 -0.78 35.91 -7.70
N PHE A 101 -2.07 36.01 -7.42
CA PHE A 101 -3.00 36.69 -8.32
C PHE A 101 -2.79 38.20 -8.38
N ARG A 102 -2.54 38.83 -7.23
CA ARG A 102 -2.32 40.28 -7.18
C ARG A 102 -1.04 40.73 -7.89
N ALA A 103 -0.03 39.85 -7.90
CA ALA A 103 1.24 40.16 -8.54
C ALA A 103 1.31 39.70 -10.00
N PHE A 104 0.70 38.56 -10.31
CA PHE A 104 0.85 37.92 -11.62
C PHE A 104 -0.45 37.73 -12.41
N GLY A 105 -1.59 37.97 -11.76
CA GLY A 105 -2.91 37.87 -12.40
C GLY A 105 -3.39 36.45 -12.65
N ARG A 106 -2.58 35.48 -12.24
CA ARG A 106 -2.88 34.07 -12.46
C ARG A 106 -2.15 33.21 -11.42
N CYS A 107 -2.62 31.98 -11.23
CA CYS A 107 -1.93 30.99 -10.40
C CYS A 107 -2.14 29.60 -10.99
N ASP A 108 -1.08 29.06 -11.56
CA ASP A 108 -1.17 27.81 -12.31
C ASP A 108 -0.69 26.59 -11.53
N VAL A 109 0.24 26.82 -10.61
CA VAL A 109 0.86 25.74 -9.83
C VAL A 109 0.97 26.09 -8.34
N LEU A 110 0.67 25.11 -7.49
CA LEU A 110 0.94 25.20 -6.06
C LEU A 110 1.81 24.04 -5.60
N VAL A 111 2.95 24.36 -4.99
CA VAL A 111 3.81 23.35 -4.37
C VAL A 111 3.70 23.44 -2.85
N ASN A 112 3.11 22.43 -2.25
CA ASN A 112 3.01 22.34 -0.80
C ASN A 112 4.28 21.71 -0.24
N ASN A 113 5.22 22.56 0.14
CA ASN A 113 6.56 22.15 0.58
C ASN A 113 6.84 22.40 2.07
N ALA A 114 6.30 23.50 2.62
CA ALA A 114 6.56 23.87 4.02
C ALA A 114 6.16 22.74 4.98
N SER A 115 6.89 22.61 6.08
CA SER A 115 6.76 21.43 6.94
C SER A 115 7.50 21.62 8.25
N ALA A 116 6.79 21.36 9.35
CA ALA A 116 7.41 21.23 10.65
C ALA A 116 7.81 19.76 10.84
N PHE A 117 8.97 19.52 11.43
CA PHE A 117 9.50 18.17 11.63
C PHE A 117 10.33 18.15 12.90
N TYR A 118 9.83 17.45 13.92
CA TYR A 118 10.52 17.24 15.20
C TYR A 118 9.81 16.13 15.99
N PRO A 119 10.52 15.47 16.92
CA PRO A 119 9.91 14.34 17.64
C PRO A 119 8.79 14.75 18.60
N THR A 120 7.73 13.95 18.63
CA THR A 120 6.63 14.10 19.60
C THR A 120 6.36 12.76 20.28
N PRO A 121 7.16 12.41 21.31
CA PRO A 121 7.08 11.08 21.90
C PRO A 121 5.73 10.86 22.57
N LEU A 122 5.24 9.62 22.50
CA LEU A 122 3.97 9.25 23.14
C LEU A 122 4.12 9.09 24.64
N VAL A 123 5.33 8.71 25.07
CA VAL A 123 5.65 8.59 26.50
C VAL A 123 6.76 9.58 26.86
N GLY A 133 9.87 23.96 25.74
CA GLY A 133 8.58 23.88 26.40
C GLY A 133 7.42 24.12 25.46
N LYS A 134 7.25 23.24 24.47
CA LYS A 134 6.12 23.29 23.57
C LYS A 134 5.02 22.35 24.05
N THR A 135 3.83 22.90 24.28
CA THR A 135 2.70 22.09 24.70
C THR A 135 2.29 21.16 23.56
N VAL A 136 1.63 20.05 23.91
CA VAL A 136 1.22 19.07 22.90
C VAL A 136 0.24 19.68 21.87
N GLU A 137 -0.64 20.57 22.34
CA GLU A 137 -1.61 21.24 21.47
C GLU A 137 -0.92 22.11 20.40
N THR A 138 0.21 22.70 20.75
CA THR A 138 1.01 23.49 19.81
C THR A 138 1.68 22.55 18.80
N GLN A 139 2.26 21.46 19.32
CA GLN A 139 2.91 20.46 18.47
C GLN A 139 1.94 19.88 17.43
N VAL A 140 0.70 19.64 17.85
CA VAL A 140 -0.39 19.23 16.95
C VAL A 140 -0.64 20.31 15.89
N ALA A 141 -0.80 21.55 16.34
CA ALA A 141 -1.05 22.69 15.47
C ALA A 141 0.04 22.85 14.42
N GLU A 142 1.30 22.82 14.85
CA GLU A 142 2.43 23.00 13.95
C GLU A 142 2.61 21.82 12.99
N LEU A 143 2.58 20.60 13.51
CA LEU A 143 2.87 19.43 12.68
C LEU A 143 1.75 19.05 11.73
N ILE A 144 0.52 18.98 12.23
CA ILE A 144 -0.64 18.69 11.38
C ILE A 144 -0.99 19.90 10.51
N GLY A 145 -0.86 21.10 11.09
CA GLY A 145 -1.12 22.35 10.36
C GLY A 145 -0.27 22.47 9.11
N THR A 146 1.05 22.45 9.27
CA THR A 146 1.97 22.64 8.14
C THR A 146 1.91 21.52 7.11
N ASN A 147 1.88 20.28 7.59
CA ASN A 147 1.98 19.10 6.73
C ASN A 147 0.67 18.67 6.06
N ALA A 148 -0.47 19.08 6.63
CA ALA A 148 -1.77 18.60 6.15
C ALA A 148 -2.86 19.67 5.99
N ILE A 149 -3.10 20.45 7.04
CA ILE A 149 -4.24 21.39 7.04
CA ILE A 149 -4.23 21.40 7.07
C ILE A 149 -3.99 22.59 6.13
N ALA A 150 -2.81 23.20 6.22
CA ALA A 150 -2.43 24.29 5.32
C ALA A 150 -2.46 23.85 3.84
N PRO A 151 -1.83 22.70 3.49
CA PRO A 151 -2.02 22.20 2.11
C PRO A 151 -3.49 22.07 1.70
N PHE A 152 -4.34 21.56 2.58
CA PHE A 152 -5.79 21.47 2.32
C PHE A 152 -6.44 22.82 2.03
N LEU A 153 -6.20 23.81 2.90
CA LEU A 153 -6.79 25.14 2.74
C LEU A 153 -6.23 25.89 1.54
N LEU A 154 -4.95 25.68 1.25
CA LEU A 154 -4.29 26.25 0.07
C LEU A 154 -4.84 25.63 -1.22
N THR A 155 -5.13 24.33 -1.17
CA THR A 155 -5.80 23.62 -2.25
C THR A 155 -7.20 24.18 -2.50
N MET A 156 -7.95 24.40 -1.41
CA MET A 156 -9.28 25.01 -1.47
CA MET A 156 -9.29 24.99 -1.48
C MET A 156 -9.25 26.34 -2.20
N SER A 157 -8.41 27.25 -1.70
CA SER A 157 -8.25 28.60 -2.26
C SER A 157 -7.80 28.57 -3.72
N PHE A 158 -6.78 27.75 -3.99
CA PHE A 158 -6.25 27.57 -5.35
C PHE A 158 -7.35 27.19 -6.34
N ALA A 159 -8.14 26.19 -5.98
CA ALA A 159 -9.21 25.68 -6.83
C ALA A 159 -10.35 26.70 -7.01
N GLN A 160 -10.83 27.26 -5.91
CA GLN A 160 -11.94 28.20 -5.95
CA GLN A 160 -11.94 28.22 -5.91
C GLN A 160 -11.63 29.45 -6.76
N ARG A 161 -10.34 29.81 -6.83
CA ARG A 161 -9.89 30.99 -7.57
CA ARG A 161 -9.90 30.99 -7.58
C ARG A 161 -9.67 30.72 -9.07
N GLN A 162 -9.75 29.45 -9.47
CA GLN A 162 -9.60 29.09 -10.89
C GLN A 162 -10.90 29.31 -11.64
N SER A 172 -4.39 25.28 -20.84
CA SER A 172 -3.37 25.48 -19.82
C SER A 172 -3.02 24.19 -19.09
N ASN A 173 -2.39 24.32 -17.92
CA ASN A 173 -1.81 23.20 -17.19
C ASN A 173 -1.83 23.47 -15.69
N LEU A 174 -3.01 23.36 -15.07
CA LEU A 174 -3.14 23.56 -13.64
C LEU A 174 -2.84 22.27 -12.91
N SER A 175 -1.90 22.34 -11.96
CA SER A 175 -1.61 21.20 -11.09
C SER A 175 -1.07 21.62 -9.73
N ILE A 176 -1.14 20.70 -8.77
CA ILE A 176 -0.60 20.88 -7.43
C ILE A 176 0.38 19.75 -7.15
N VAL A 177 1.48 20.06 -6.48
CA VAL A 177 2.44 19.04 -6.05
C VAL A 177 2.63 19.10 -4.53
N ASN A 178 2.37 17.99 -3.86
CA ASN A 178 2.53 17.89 -2.42
C ASN A 178 3.79 17.14 -2.04
N LEU A 179 4.65 17.78 -1.25
CA LEU A 179 5.89 17.16 -0.78
C LEU A 179 5.62 16.20 0.37
N CYS A 180 5.75 14.90 0.10
CA CYS A 180 5.35 13.86 1.04
C CYS A 180 6.57 13.24 1.73
N ASP A 181 6.53 11.93 2.01
CA ASP A 181 7.66 11.26 2.69
C ASP A 181 7.68 9.77 2.34
N ALA A 182 8.76 9.34 1.67
CA ALA A 182 8.92 7.95 1.25
C ALA A 182 8.89 6.95 2.40
N MET A 183 9.19 7.43 3.60
CA MET A 183 9.29 6.56 4.78
C MET A 183 8.04 6.59 5.66
N VAL A 184 6.88 6.89 5.07
CA VAL A 184 5.64 7.03 5.84
C VAL A 184 5.12 5.73 6.45
N ASP A 185 5.51 4.60 5.88
CA ASP A 185 5.09 3.30 6.39
C ASP A 185 6.17 2.57 7.21
N GLN A 186 7.36 3.16 7.24
CA GLN A 186 8.43 2.76 8.16
C GLN A 186 8.95 4.04 8.82
N PRO A 187 8.14 4.64 9.71
CA PRO A 187 8.44 6.00 10.18
C PRO A 187 9.54 6.05 11.23
N CYS A 188 10.08 7.24 11.46
CA CYS A 188 11.02 7.46 12.55
C CYS A 188 10.34 7.28 13.91
N MET A 189 11.07 6.67 14.84
CA MET A 189 10.64 6.49 16.22
C MET A 189 10.24 7.82 16.87
N ALA A 190 9.12 7.81 17.59
CA ALA A 190 8.62 8.96 18.36
C ALA A 190 8.22 10.19 17.51
N PHE A 191 7.92 9.94 16.24
CA PHE A 191 7.52 11.00 15.31
C PHE A 191 6.07 10.82 14.85
N SER A 192 5.18 10.46 15.79
CA SER A 192 3.80 10.14 15.46
CA SER A 192 3.78 10.15 15.48
C SER A 192 3.07 11.32 14.81
N LEU A 193 3.12 12.49 15.43
CA LEU A 193 2.43 13.66 14.88
C LEU A 193 2.88 14.05 13.47
N TYR A 194 4.20 14.10 13.24
CA TYR A 194 4.72 14.37 11.90
C TYR A 194 4.24 13.33 10.88
N ASN A 195 4.32 12.05 11.26
CA ASN A 195 3.95 10.96 10.37
C ASN A 195 2.44 10.94 10.06
N MET A 196 1.65 11.28 11.08
CA MET A 196 0.20 11.48 10.92
C MET A 196 -0.09 12.57 9.89
N GLY A 197 0.65 13.68 9.98
CA GLY A 197 0.49 14.81 9.06
C GLY A 197 0.82 14.45 7.63
N LYS A 198 1.88 13.66 7.46
CA LYS A 198 2.30 13.23 6.12
C LYS A 198 1.35 12.18 5.54
N HIS A 199 0.84 11.30 6.39
CA HIS A 199 -0.20 10.36 5.99
C HIS A 199 -1.44 11.10 5.50
N ALA A 200 -1.83 12.14 6.23
CA ALA A 200 -2.96 13.00 5.86
C ALA A 200 -2.71 13.71 4.53
N LEU A 201 -1.46 14.07 4.26
CA LEU A 201 -1.08 14.70 3.00
C LEU A 201 -1.23 13.75 1.80
N VAL A 202 -0.95 12.47 2.02
CA VAL A 202 -1.25 11.44 1.00
C VAL A 202 -2.77 11.42 0.76
N GLY A 203 -3.53 11.34 1.85
CA GLY A 203 -4.98 11.41 1.81
C GLY A 203 -5.49 12.59 1.01
N LEU A 204 -4.97 13.79 1.28
CA LEU A 204 -5.36 14.99 0.54
C LEU A 204 -4.99 14.93 -0.94
N THR A 205 -3.78 14.43 -1.23
CA THR A 205 -3.31 14.31 -2.60
C THR A 205 -4.25 13.43 -3.42
N GLN A 206 -4.66 12.31 -2.83
CA GLN A 206 -5.59 11.38 -3.47
C GLN A 206 -7.01 11.94 -3.53
N SER A 207 -7.47 12.54 -2.44
CA SER A 207 -8.82 13.14 -2.39
C SER A 207 -9.01 14.30 -3.37
N ALA A 208 -8.07 15.24 -3.38
CA ALA A 208 -8.13 16.39 -4.29
C ALA A 208 -7.92 16.00 -5.75
N ALA A 209 -7.17 14.92 -5.98
CA ALA A 209 -6.98 14.38 -7.34
C ALA A 209 -8.32 14.00 -7.94
N LEU A 210 -9.11 13.23 -7.19
CA LEU A 210 -10.44 12.80 -7.63
C LEU A 210 -11.38 13.98 -7.84
N GLU A 211 -11.39 14.89 -6.88
CA GLU A 211 -12.36 15.99 -6.83
C GLU A 211 -12.07 17.13 -7.81
N LEU A 212 -10.78 17.38 -8.05
CA LEU A 212 -10.39 18.47 -8.94
C LEU A 212 -10.13 18.03 -10.38
N ALA A 213 -10.14 16.72 -10.62
CA ALA A 213 -9.99 16.17 -11.96
C ALA A 213 -10.96 16.77 -12.99
N PRO A 214 -12.25 16.94 -12.64
CA PRO A 214 -13.18 17.57 -13.59
C PRO A 214 -12.85 19.03 -13.91
N TYR A 215 -12.04 19.66 -13.06
CA TYR A 215 -11.65 21.07 -13.25
C TYR A 215 -10.32 21.21 -13.99
N GLY A 216 -9.72 20.08 -14.37
CA GLY A 216 -8.44 20.08 -15.08
C GLY A 216 -7.24 20.30 -14.18
N ILE A 217 -7.47 20.30 -12.87
CA ILE A 217 -6.42 20.46 -11.88
C ILE A 217 -5.89 19.08 -11.48
N ARG A 218 -4.61 18.84 -11.75
CA ARG A 218 -3.95 17.59 -11.36
C ARG A 218 -3.30 17.74 -9.98
N VAL A 219 -3.39 16.69 -9.17
CA VAL A 219 -2.79 16.70 -7.84
C VAL A 219 -1.85 15.51 -7.66
N ASN A 220 -0.58 15.82 -7.39
CA ASN A 220 0.47 14.80 -7.30
C ASN A 220 1.42 15.03 -6.14
N GLY A 221 2.27 14.03 -5.88
CA GLY A 221 3.19 14.10 -4.77
C GLY A 221 4.60 13.70 -5.13
N VAL A 222 5.56 14.27 -4.42
CA VAL A 222 6.96 13.86 -4.48
C VAL A 222 7.40 13.46 -3.07
N ALA A 223 7.83 12.22 -2.92
CA ALA A 223 8.22 11.69 -1.61
C ALA A 223 9.73 11.46 -1.53
N PRO A 224 10.46 12.40 -0.90
CA PRO A 224 11.89 12.21 -0.66
C PRO A 224 12.12 11.15 0.42
N GLY A 225 13.27 10.49 0.36
CA GLY A 225 13.72 9.59 1.41
C GLY A 225 14.63 10.36 2.34
N VAL A 226 15.94 10.18 2.17
CA VAL A 226 16.91 11.09 2.79
C VAL A 226 17.37 12.08 1.72
N SER A 227 16.97 13.33 1.90
CA SER A 227 17.46 14.42 1.06
C SER A 227 18.35 15.30 1.93
N LEU A 228 18.46 16.58 1.58
CA LEU A 228 19.31 17.53 2.30
C LEU A 228 19.14 17.41 3.81
N LEU A 229 20.26 17.23 4.49
CA LEU A 229 20.29 17.26 5.96
C LEU A 229 20.17 18.74 6.40
N PRO A 230 20.31 19.10 7.69
CA PRO A 230 21.06 18.83 8.91
C PRO A 230 22.22 17.84 8.83
N ALA A 232 21.72 22.39 11.65
CA ALA A 232 22.48 21.22 11.20
C ALA A 232 22.41 20.05 12.18
N MET A 233 22.98 18.93 11.77
CA MET A 233 22.99 17.68 12.53
C MET A 233 24.44 17.23 12.67
N GLY A 234 24.70 16.32 13.62
CA GLY A 234 26.00 15.68 13.70
C GLY A 234 26.32 14.97 12.40
N GLU A 235 27.54 15.18 11.91
CA GLU A 235 28.00 14.58 10.65
C GLU A 235 28.08 13.05 10.76
N GLU A 236 28.29 12.56 11.98
CA GLU A 236 28.31 11.14 12.26
C GLU A 236 26.91 10.52 12.12
N GLU A 237 25.90 11.28 12.55
CA GLU A 237 24.51 10.85 12.43
C GLU A 237 23.99 11.00 10.99
N LYS A 238 24.56 11.96 10.26
CA LYS A 238 24.23 12.20 8.85
C LYS A 238 24.71 11.05 7.97
N ASP A 239 25.97 10.66 8.16
CA ASP A 239 26.58 9.57 7.40
C ASP A 239 25.91 8.23 7.68
N LYS A 240 25.25 8.13 8.83
CA LYS A 240 24.52 6.93 9.21
C LYS A 240 23.27 6.73 8.33
N TRP A 241 22.56 7.81 8.04
CA TRP A 241 21.42 7.76 7.11
C TRP A 241 21.89 7.59 5.66
N ARG A 242 23.00 8.23 5.32
CA ARG A 242 23.59 8.14 3.98
C ARG A 242 23.93 6.70 3.62
N ARG A 243 24.58 5.99 4.54
CA ARG A 243 25.02 4.60 4.30
C ARG A 243 23.87 3.61 4.11
N LYS A 244 22.65 4.01 4.49
CA LYS A 244 21.45 3.17 4.35
C LYS A 244 20.88 3.18 2.92
N VAL A 245 21.24 4.20 2.14
CA VAL A 245 20.67 4.39 0.80
C VAL A 245 21.38 3.50 -0.23
N PRO A 246 20.63 2.53 -0.80
CA PRO A 246 21.20 1.61 -1.79
C PRO A 246 21.80 2.32 -3.01
N LEU A 247 21.13 3.35 -3.51
CA LEU A 247 21.62 4.05 -4.70
C LEU A 247 22.58 5.18 -4.36
N GLY A 248 23.86 4.85 -4.30
CA GLY A 248 24.92 5.85 -4.16
C GLY A 248 25.40 6.08 -2.75
N ARG A 249 24.67 5.55 -1.77
CA ARG A 249 24.99 5.70 -0.34
C ARG A 249 25.06 7.17 0.09
N ARG A 250 24.23 7.98 -0.55
CA ARG A 250 24.22 9.42 -0.33
C ARG A 250 22.77 9.92 -0.32
N GLU A 251 22.57 11.13 0.19
CA GLU A 251 21.25 11.75 0.17
C GLU A 251 20.97 12.37 -1.20
N ALA A 252 19.69 12.62 -1.49
CA ALA A 252 19.29 13.37 -2.67
C ALA A 252 19.65 14.82 -2.49
N SER A 253 20.20 15.44 -3.54
CA SER A 253 20.35 16.88 -3.57
C SER A 253 18.95 17.49 -3.67
N ALA A 254 18.82 18.76 -3.30
CA ALA A 254 17.56 19.48 -3.44
C ALA A 254 17.15 19.57 -4.91
N GLU A 255 18.14 19.67 -5.80
CA GLU A 255 17.89 19.73 -7.25
C GLU A 255 17.22 18.46 -7.75
N GLN A 256 17.68 17.31 -7.27
CA GLN A 256 17.12 16.01 -7.67
C GLN A 256 15.66 15.87 -7.24
N ILE A 257 15.32 16.39 -6.07
CA ILE A 257 13.92 16.42 -5.63
C ILE A 257 13.09 17.34 -6.52
N ALA A 258 13.62 18.53 -6.79
CA ALA A 258 12.95 19.51 -7.64
C ALA A 258 12.68 18.97 -9.06
N ASP A 259 13.59 18.13 -9.56
CA ASP A 259 13.45 17.49 -10.89
C ASP A 259 12.14 16.74 -11.04
N ALA A 260 11.74 16.04 -9.98
CA ALA A 260 10.50 15.26 -9.96
C ALA A 260 9.27 16.16 -9.89
N VAL A 261 9.39 17.28 -9.19
CA VAL A 261 8.32 18.28 -9.12
C VAL A 261 8.09 18.92 -10.50
N ILE A 262 9.18 19.33 -11.13
CA ILE A 262 9.16 19.88 -12.50
C ILE A 262 8.53 18.92 -13.51
N PHE A 263 8.85 17.63 -13.41
CA PHE A 263 8.22 16.61 -14.25
C PHE A 263 6.71 16.59 -14.05
N LEU A 264 6.29 16.58 -12.79
CA LEU A 264 4.86 16.51 -12.46
C LEU A 264 4.04 17.70 -12.92
N VAL A 265 4.64 18.89 -12.98
CA VAL A 265 3.94 20.09 -13.47
C VAL A 265 4.08 20.25 -14.99
N SER A 266 4.96 19.47 -15.60
CA SER A 266 5.23 19.57 -17.03
C SER A 266 4.11 18.96 -17.89
N GLY A 267 4.14 19.26 -19.18
CA GLY A 267 3.21 18.67 -20.14
C GLY A 267 3.40 17.18 -20.31
N SER A 268 4.57 16.69 -19.91
CA SER A 268 4.88 15.25 -19.94
C SER A 268 4.17 14.45 -18.83
N ALA A 269 3.28 15.12 -18.10
CA ALA A 269 2.53 14.50 -17.00
C ALA A 269 1.05 14.82 -17.06
N GLN A 270 0.58 15.21 -18.24
CA GLN A 270 -0.80 15.68 -18.45
CA GLN A 270 -0.80 15.66 -18.46
C GLN A 270 -1.88 14.67 -18.06
N TYR A 271 -1.49 13.40 -17.95
CA TYR A 271 -2.43 12.34 -17.60
C TYR A 271 -2.18 11.81 -16.19
N ILE A 272 -1.15 12.34 -15.54
CA ILE A 272 -0.80 11.92 -14.20
C ILE A 272 -1.54 12.77 -13.18
N THR A 273 -2.40 12.11 -12.40
CA THR A 273 -2.97 12.71 -11.19
C THR A 273 -3.24 11.65 -10.12
N GLY A 274 -3.09 12.04 -8.87
CA GLY A 274 -3.22 11.12 -7.73
C GLY A 274 -2.03 10.20 -7.53
N SER A 275 -0.90 10.56 -8.13
CA SER A 275 0.32 9.75 -8.05
C SER A 275 1.39 10.39 -7.18
N ILE A 276 1.98 9.59 -6.30
CA ILE A 276 3.07 10.03 -5.45
C ILE A 276 4.36 9.33 -5.87
N ILE A 277 5.29 10.12 -6.42
CA ILE A 277 6.57 9.61 -6.91
C ILE A 277 7.63 9.64 -5.83
N LYS A 278 8.23 8.47 -5.60
CA LYS A 278 9.30 8.30 -4.64
CA LYS A 278 9.31 8.33 -4.63
C LYS A 278 10.64 8.76 -5.25
N VAL A 279 11.37 9.60 -4.53
CA VAL A 279 12.72 10.00 -4.92
C VAL A 279 13.59 9.68 -3.71
N ASP A 280 13.91 8.40 -3.53
CA ASP A 280 14.51 7.93 -2.26
C ASP A 280 15.77 7.06 -2.38
N GLY A 281 16.26 6.87 -3.60
CA GLY A 281 17.43 6.02 -3.84
C GLY A 281 17.26 4.59 -3.37
N GLY A 282 16.00 4.15 -3.24
CA GLY A 282 15.69 2.80 -2.80
C GLY A 282 15.55 2.63 -1.30
N LEU A 283 15.73 3.71 -0.54
CA LEU A 283 15.70 3.65 0.92
C LEU A 283 14.48 2.94 1.53
N SER A 284 13.29 3.19 0.97
CA SER A 284 12.06 2.60 1.48
C SER A 284 11.97 1.08 1.26
N LEU A 285 12.89 0.55 0.46
CA LEU A 285 12.89 -0.88 0.14
C LEU A 285 13.79 -1.71 1.07
N VAL A 286 14.55 -1.02 1.92
CA VAL A 286 15.54 -1.68 2.79
C VAL A 286 14.89 -2.13 4.10
N HIS A 287 14.99 -3.42 4.40
CA HIS A 287 14.45 -3.95 5.65
C HIS A 287 15.28 -3.52 6.84
N ALA A 288 14.71 -3.66 8.04
CA ALA A 288 15.39 -3.33 9.30
C ALA A 288 16.70 -4.10 9.45
N GLU B 22 -8.96 -10.25 39.05
CA GLU B 22 -9.50 -8.93 38.63
C GLU B 22 -9.80 -8.92 37.14
N ALA B 23 -10.96 -8.36 36.78
CA ALA B 23 -11.35 -8.26 35.37
C ALA B 23 -10.69 -7.05 34.71
N PRO B 24 -10.26 -7.19 33.44
CA PRO B 24 -9.64 -6.07 32.72
C PRO B 24 -10.64 -4.96 32.39
N ALA B 25 -10.15 -3.75 32.12
CA ALA B 25 -11.00 -2.61 31.78
C ALA B 25 -10.69 -2.05 30.38
N ALA B 26 -11.76 -1.68 29.67
CA ALA B 26 -11.64 -1.09 28.34
C ALA B 26 -12.30 0.28 28.22
N VAL B 27 -11.69 1.15 27.42
CA VAL B 27 -12.29 2.43 27.06
C VAL B 27 -12.72 2.37 25.59
N VAL B 28 -14.02 2.55 25.34
CA VAL B 28 -14.52 2.64 23.97
C VAL B 28 -15.12 4.01 23.73
N THR B 29 -14.52 4.75 22.80
CA THR B 29 -14.99 6.08 22.44
C THR B 29 -16.19 5.98 21.50
N GLY B 30 -17.15 6.88 21.67
CA GLY B 30 -18.38 6.90 20.87
C GLY B 30 -19.18 5.61 20.93
N ALA B 31 -19.37 5.09 22.14
CA ALA B 31 -19.92 3.75 22.35
C ALA B 31 -21.42 3.70 22.66
N ALA B 32 -22.09 4.84 22.62
CA ALA B 32 -23.54 4.89 22.91
C ALA B 32 -24.38 4.17 21.85
N LYS B 33 -23.89 4.16 20.61
CA LYS B 33 -24.66 3.67 19.48
C LYS B 33 -23.84 2.78 18.54
N ARG B 34 -24.55 2.00 17.74
CA ARG B 34 -24.02 1.41 16.51
C ARG B 34 -22.77 0.54 16.72
N ILE B 35 -21.70 0.81 15.96
CA ILE B 35 -20.48 -0.01 16.04
C ILE B 35 -19.80 0.09 17.40
N GLY B 36 -19.76 1.30 17.97
CA GLY B 36 -19.17 1.53 19.28
C GLY B 36 -19.83 0.73 20.39
N ARG B 37 -21.16 0.68 20.35
CA ARG B 37 -21.91 -0.13 21.31
C ARG B 37 -21.61 -1.61 21.12
N ALA B 38 -21.52 -2.04 19.86
CA ALA B 38 -21.23 -3.43 19.51
C ALA B 38 -19.90 -3.87 20.10
N ILE B 39 -18.89 -3.02 19.98
CA ILE B 39 -17.57 -3.24 20.55
C ILE B 39 -17.61 -3.28 22.08
N ALA B 40 -18.34 -2.34 22.68
CA ALA B 40 -18.44 -2.24 24.14
C ALA B 40 -19.13 -3.46 24.75
N VAL B 41 -20.28 -3.83 24.18
CA VAL B 41 -21.05 -5.02 24.58
C VAL B 41 -20.24 -6.32 24.43
N LYS B 42 -19.52 -6.44 23.33
CA LYS B 42 -18.65 -7.59 23.05
C LYS B 42 -17.53 -7.76 24.06
N LEU B 43 -16.84 -6.66 24.37
CA LEU B 43 -15.81 -6.63 25.39
C LEU B 43 -16.38 -7.01 26.76
N HIS B 44 -17.52 -6.42 27.10
CA HIS B 44 -18.22 -6.73 28.34
C HIS B 44 -18.63 -8.20 28.45
N GLN B 45 -19.06 -8.78 27.33
CA GLN B 45 -19.38 -10.20 27.26
C GLN B 45 -18.15 -11.10 27.38
N THR B 46 -16.99 -10.57 27.01
CA THR B 46 -15.70 -11.25 27.17
C THR B 46 -15.16 -11.05 28.59
N GLY B 47 -15.91 -10.33 29.42
CA GLY B 47 -15.56 -10.11 30.82
C GLY B 47 -14.86 -8.80 31.10
N TYR B 48 -14.80 -7.92 30.11
CA TYR B 48 -14.21 -6.59 30.30
C TYR B 48 -15.16 -5.66 31.04
N ARG B 49 -14.60 -4.81 31.89
CA ARG B 49 -15.33 -3.67 32.42
C ARG B 49 -15.11 -2.52 31.45
N VAL B 50 -16.16 -1.76 31.17
CA VAL B 50 -16.13 -0.79 30.06
C VAL B 50 -16.46 0.65 30.45
N VAL B 51 -15.68 1.57 29.90
CA VAL B 51 -16.05 2.99 29.92
C VAL B 51 -16.73 3.29 28.59
N ILE B 52 -18.02 3.61 28.67
CA ILE B 52 -18.79 4.04 27.50
C ILE B 52 -18.63 5.55 27.36
N HIS B 53 -17.70 5.97 26.51
CA HIS B 53 -17.60 7.38 26.18
C HIS B 53 -18.64 7.75 25.12
N TYR B 54 -19.22 8.94 25.29
CA TYR B 54 -20.23 9.49 24.38
C TYR B 54 -20.08 11.01 24.28
N HIS B 55 -20.63 11.60 23.21
CA HIS B 55 -20.61 13.04 23.06
C HIS B 55 -21.98 13.63 23.35
N ASN B 56 -22.91 13.53 22.40
CA ASN B 56 -24.25 14.05 22.57
C ASN B 56 -25.23 13.01 23.11
N SER B 57 -25.09 11.76 22.66
CA SER B 57 -26.04 10.69 22.99
C SER B 57 -26.01 10.26 24.46
N ALA B 58 -26.51 11.13 25.33
CA ALA B 58 -26.50 10.90 26.78
C ALA B 58 -27.36 9.72 27.15
N GLU B 59 -28.63 9.77 26.76
CA GLU B 59 -29.61 8.76 27.09
C GLU B 59 -29.16 7.35 26.68
N ALA B 60 -28.66 7.24 25.45
CA ALA B 60 -28.24 5.96 24.88
C ALA B 60 -27.04 5.34 25.61
N ALA B 61 -26.12 6.19 26.04
CA ALA B 61 -24.93 5.75 26.77
C ALA B 61 -25.28 5.25 28.17
N VAL B 62 -26.07 6.03 28.91
CA VAL B 62 -26.53 5.64 30.23
C VAL B 62 -27.43 4.40 30.15
N SER B 63 -28.23 4.31 29.09
CA SER B 63 -29.08 3.16 28.81
C SER B 63 -28.28 1.88 28.54
N LEU B 64 -27.13 2.02 27.89
CA LEU B 64 -26.22 0.89 27.72
C LEU B 64 -25.50 0.57 29.02
N ALA B 65 -25.13 1.60 29.78
CA ALA B 65 -24.50 1.45 31.09
C ALA B 65 -25.38 0.64 32.03
N ASP B 66 -26.66 1.03 32.13
CA ASP B 66 -27.62 0.35 33.01
C ASP B 66 -27.81 -1.11 32.64
N GLU B 67 -27.90 -1.38 31.33
CA GLU B 67 -28.12 -2.72 30.80
C GLU B 67 -26.92 -3.65 31.04
N LEU B 68 -25.71 -3.09 30.97
CA LEU B 68 -24.49 -3.86 31.24
C LEU B 68 -24.26 -4.05 32.74
N ASN B 69 -24.69 -3.08 33.54
CA ASN B 69 -24.63 -3.18 35.00
C ASN B 69 -25.66 -4.16 35.56
N LYS B 70 -26.78 -4.28 34.87
CA LYS B 70 -27.83 -5.25 35.22
C LYS B 70 -27.33 -6.69 35.10
N GLU B 71 -26.42 -6.90 34.15
CA GLU B 71 -25.81 -8.21 33.91
C GLU B 71 -24.68 -8.47 34.91
N ARG B 72 -23.80 -7.49 35.10
CA ARG B 72 -22.72 -7.57 36.09
C ARG B 72 -22.57 -6.23 36.80
N SER B 73 -22.67 -6.26 38.13
N SER B 73 -22.67 -6.27 38.14
CA SER B 73 -22.62 -5.05 38.95
CA SER B 73 -22.62 -5.07 38.97
C SER B 73 -21.28 -4.34 38.88
C SER B 73 -21.27 -4.35 38.87
N ASN B 74 -21.32 -3.01 38.84
CA ASN B 74 -20.13 -2.14 38.81
C ASN B 74 -19.12 -2.43 37.68
N THR B 75 -19.63 -2.70 36.48
CA THR B 75 -18.77 -3.05 35.34
C THR B 75 -18.90 -2.10 34.14
N ALA B 76 -19.75 -1.08 34.27
CA ALA B 76 -19.91 -0.10 33.21
C ALA B 76 -20.18 1.30 33.76
N VAL B 77 -19.52 2.30 33.18
CA VAL B 77 -19.75 3.71 33.47
C VAL B 77 -19.72 4.49 32.17
N VAL B 78 -20.40 5.63 32.14
CA VAL B 78 -20.33 6.56 31.01
C VAL B 78 -19.27 7.64 31.24
N CYS B 79 -18.89 8.34 30.16
CA CYS B 79 -17.92 9.42 30.21
C CYS B 79 -18.17 10.38 29.05
N GLN B 80 -18.72 11.55 29.36
CA GLN B 80 -19.00 12.57 28.35
C GLN B 80 -17.72 13.34 27.98
N ALA B 81 -17.52 13.51 26.67
CA ALA B 81 -16.39 14.28 26.14
C ALA B 81 -16.55 14.63 24.68
N ASP B 82 -16.33 15.91 24.37
CA ASP B 82 -16.23 16.38 22.99
C ASP B 82 -14.81 16.10 22.53
N LEU B 83 -14.67 15.54 21.33
CA LEU B 83 -13.34 15.19 20.79
C LEU B 83 -12.97 16.03 19.56
N THR B 84 -13.70 17.14 19.39
CA THR B 84 -13.32 18.19 18.45
C THR B 84 -11.93 18.69 18.84
N ASN B 85 -11.07 18.95 17.86
CA ASN B 85 -9.75 19.50 18.13
C ASN B 85 -9.80 20.88 18.78
N SER B 86 -9.02 21.04 19.85
CA SER B 86 -8.90 22.31 20.57
C SER B 86 -7.68 22.27 21.49
N ASN B 87 -7.38 23.39 22.12
CA ASN B 87 -6.31 23.47 23.10
C ASN B 87 -6.58 22.68 24.38
N VAL B 88 -7.86 22.41 24.66
N VAL B 88 -7.86 22.41 24.64
CA VAL B 88 -8.23 21.67 25.86
CA VAL B 88 -8.26 21.69 25.85
C VAL B 88 -8.41 20.17 25.59
C VAL B 88 -8.38 20.19 25.59
N LEU B 89 -8.41 19.80 24.32
CA LEU B 89 -8.55 18.40 23.91
C LEU B 89 -7.54 17.44 24.57
N PRO B 90 -6.24 17.81 24.65
CA PRO B 90 -5.31 17.01 25.44
C PRO B 90 -5.78 16.71 26.87
N ALA B 91 -6.36 17.70 27.55
CA ALA B 91 -6.89 17.51 28.90
C ALA B 91 -8.14 16.60 28.90
N SER B 92 -9.01 16.80 27.91
CA SER B 92 -10.22 15.98 27.75
C SER B 92 -9.90 14.51 27.50
N CYS B 93 -8.80 14.25 26.80
CA CYS B 93 -8.39 12.87 26.52
C CYS B 93 -7.75 12.20 27.73
N GLU B 94 -6.95 12.97 28.46
N GLU B 94 -6.94 12.97 28.46
CA GLU B 94 -6.37 12.52 29.72
CA GLU B 94 -6.37 12.52 29.73
C GLU B 94 -7.47 12.16 30.72
C GLU B 94 -7.47 12.14 30.72
N GLU B 95 -8.56 12.92 30.70
CA GLU B 95 -9.70 12.71 31.59
C GLU B 95 -10.52 11.46 31.25
N ILE B 96 -10.73 11.20 29.96
CA ILE B 96 -11.36 9.92 29.54
C ILE B 96 -10.58 8.73 30.13
N ILE B 97 -9.26 8.80 30.04
CA ILE B 97 -8.38 7.74 30.56
C ILE B 97 -8.34 7.70 32.09
N ASN B 98 -8.21 8.86 32.73
CA ASN B 98 -8.30 8.98 34.18
C ASN B 98 -9.61 8.40 34.71
N SER B 99 -10.66 8.53 33.91
CA SER B 99 -12.00 8.06 34.27
CA SER B 99 -12.00 8.06 34.29
C SER B 99 -12.10 6.53 34.32
N CYS B 100 -11.29 5.86 33.51
CA CYS B 100 -11.24 4.40 33.50
C CYS B 100 -10.54 3.88 34.74
N PHE B 101 -9.47 4.57 35.14
CA PHE B 101 -8.78 4.27 36.39
C PHE B 101 -9.62 4.63 37.62
N ARG B 102 -10.39 5.71 37.53
CA ARG B 102 -11.29 6.12 38.61
C ARG B 102 -12.29 5.02 38.94
N ALA B 103 -12.89 4.46 37.90
CA ALA B 103 -13.94 3.45 38.04
C ALA B 103 -13.40 2.04 38.29
N PHE B 104 -12.32 1.68 37.60
CA PHE B 104 -11.90 0.27 37.59
C PHE B 104 -10.47 0.01 38.07
N GLY B 105 -9.71 1.08 38.33
CA GLY B 105 -8.34 0.95 38.84
C GLY B 105 -7.30 0.50 37.84
N ARG B 106 -7.74 0.29 36.60
CA ARG B 106 -6.88 -0.17 35.51
C ARG B 106 -7.43 0.31 34.17
N CYS B 107 -6.59 0.30 33.14
CA CYS B 107 -7.04 0.50 31.76
C CYS B 107 -6.20 -0.36 30.83
N ASP B 108 -6.83 -1.42 30.32
CA ASP B 108 -6.14 -2.44 29.54
C ASP B 108 -6.29 -2.27 28.04
N VAL B 109 -7.45 -1.78 27.62
CA VAL B 109 -7.77 -1.66 26.20
C VAL B 109 -8.37 -0.28 25.90
N LEU B 110 -7.93 0.32 24.79
CA LEU B 110 -8.52 1.54 24.25
C LEU B 110 -8.98 1.30 22.81
N VAL B 111 -10.26 1.61 22.54
CA VAL B 111 -10.82 1.53 21.20
C VAL B 111 -11.19 2.92 20.72
N ASN B 112 -10.44 3.41 19.74
CA ASN B 112 -10.74 4.70 19.13
C ASN B 112 -11.79 4.53 18.04
N ASN B 113 -13.04 4.80 18.42
CA ASN B 113 -14.19 4.59 17.53
C ASN B 113 -14.93 5.87 17.14
N ALA B 114 -15.04 6.82 18.07
CA ALA B 114 -15.76 8.07 17.82
C ALA B 114 -15.25 8.73 16.54
N SER B 115 -16.17 9.18 15.70
CA SER B 115 -15.80 9.66 14.37
C SER B 115 -16.82 10.62 13.78
N ALA B 116 -16.35 11.81 13.40
CA ALA B 116 -17.14 12.73 12.59
C ALA B 116 -17.03 12.31 11.13
N PHE B 117 -18.16 12.32 10.43
CA PHE B 117 -18.21 11.90 9.02
C PHE B 117 -19.23 12.74 8.24
N TYR B 118 -18.74 13.68 7.45
CA TYR B 118 -19.57 14.50 6.56
C TYR B 118 -18.70 15.13 5.46
N PRO B 119 -19.31 15.51 4.32
CA PRO B 119 -18.49 16.07 3.24
C PRO B 119 -17.92 17.45 3.53
N THR B 120 -16.72 17.70 2.99
CA THR B 120 -16.10 19.03 3.03
C THR B 120 -15.55 19.36 1.64
N PRO B 121 -16.41 19.85 0.73
CA PRO B 121 -16.07 20.14 -0.67
C PRO B 121 -14.99 21.21 -0.81
N LEU B 122 -14.07 20.99 -1.74
CA LEU B 122 -12.99 21.95 -2.02
C LEU B 122 -13.51 23.18 -2.76
N VAL B 123 -14.52 22.97 -3.58
CA VAL B 123 -15.13 24.04 -4.37
C VAL B 123 -16.63 24.16 -4.09
N GLY B 133 -24.52 26.68 8.64
CA GLY B 133 -23.37 26.07 7.97
C GLY B 133 -22.07 26.21 8.76
N LYS B 134 -21.37 25.09 8.93
CA LYS B 134 -20.09 25.08 9.64
C LYS B 134 -18.98 25.81 8.89
N THR B 135 -18.19 26.58 9.63
CA THR B 135 -16.98 27.21 9.10
C THR B 135 -15.91 26.14 8.86
N VAL B 136 -14.97 26.41 7.97
CA VAL B 136 -13.97 25.40 7.58
C VAL B 136 -13.05 25.02 8.74
N GLU B 137 -12.76 25.97 9.62
CA GLU B 137 -11.96 25.69 10.81
C GLU B 137 -12.68 24.76 11.79
N THR B 138 -14.00 24.91 11.89
CA THR B 138 -14.84 23.98 12.67
C THR B 138 -14.75 22.58 12.05
N GLN B 139 -14.94 22.52 10.73
CA GLN B 139 -14.86 21.27 9.97
C GLN B 139 -13.52 20.58 10.14
N VAL B 140 -12.43 21.35 10.10
CA VAL B 140 -11.09 20.82 10.35
C VAL B 140 -11.01 20.27 11.79
N ALA B 141 -11.55 21.03 12.74
CA ALA B 141 -11.47 20.66 14.15
C ALA B 141 -12.21 19.35 14.46
N GLU B 142 -13.42 19.20 13.92
CA GLU B 142 -14.21 17.99 14.13
C GLU B 142 -13.63 16.77 13.39
N LEU B 143 -13.34 16.91 12.10
CA LEU B 143 -12.95 15.76 11.27
C LEU B 143 -11.54 15.26 11.55
N ILE B 144 -10.59 16.17 11.69
CA ILE B 144 -9.22 15.79 12.07
C ILE B 144 -9.15 15.50 13.58
N GLY B 145 -9.93 16.24 14.36
CA GLY B 145 -10.03 16.04 15.81
C GLY B 145 -10.44 14.64 16.21
N THR B 146 -11.64 14.23 15.78
CA THR B 146 -12.21 12.94 16.16
C THR B 146 -11.46 11.75 15.57
N ASN B 147 -11.05 11.87 14.31
CA ASN B 147 -10.47 10.75 13.57
C ASN B 147 -8.97 10.54 13.77
N ALA B 148 -8.27 11.59 14.18
CA ALA B 148 -6.81 11.53 14.24
C ALA B 148 -6.19 12.07 15.53
N ILE B 149 -6.46 13.33 15.85
CA ILE B 149 -5.82 13.99 16.99
CA ILE B 149 -5.84 14.01 16.99
C ILE B 149 -6.27 13.39 18.32
N ALA B 150 -7.58 13.19 18.48
CA ALA B 150 -8.11 12.60 19.71
C ALA B 150 -7.58 11.18 19.96
N PRO B 151 -7.62 10.30 18.93
CA PRO B 151 -6.92 9.01 19.05
C PRO B 151 -5.44 9.15 19.44
N PHE B 152 -4.70 10.10 18.85
CA PHE B 152 -3.31 10.33 19.23
C PHE B 152 -3.19 10.72 20.70
N LEU B 153 -4.03 11.65 21.14
CA LEU B 153 -4.00 12.12 22.53
C LEU B 153 -4.42 11.04 23.53
N LEU B 154 -5.40 10.22 23.14
CA LEU B 154 -5.86 9.12 24.00
C LEU B 154 -4.81 8.03 24.12
N THR B 155 -4.07 7.81 23.03
CA THR B 155 -2.95 6.86 23.01
C THR B 155 -1.85 7.34 23.93
N MET B 156 -1.59 8.65 23.89
CA MET B 156 -0.65 9.31 24.77
C MET B 156 -0.99 9.04 26.23
N SER B 157 -2.22 9.36 26.60
CA SER B 157 -2.72 9.24 27.95
C SER B 157 -2.80 7.78 28.40
N PHE B 158 -3.23 6.91 27.48
CA PHE B 158 -3.29 5.47 27.74
C PHE B 158 -1.93 4.93 28.14
N ALA B 159 -0.90 5.22 27.33
CA ALA B 159 0.46 4.75 27.57
C ALA B 159 1.12 5.40 28.81
N GLN B 160 0.79 6.66 29.05
CA GLN B 160 1.34 7.43 30.18
C GLN B 160 0.91 6.84 31.52
N ARG B 161 -0.37 6.48 31.59
CA ARG B 161 -0.99 6.09 32.85
C ARG B 161 -0.80 4.63 33.27
N GLN B 162 0.12 3.92 32.61
CA GLN B 162 0.30 2.50 32.91
C GLN B 162 1.14 2.26 34.17
N ASN B 173 -2.41 -7.82 29.03
CA ASN B 173 -2.73 -7.86 27.62
C ASN B 173 -3.24 -6.50 27.13
N LEU B 174 -2.31 -5.55 27.05
CA LEU B 174 -2.61 -4.17 26.69
C LEU B 174 -2.55 -3.99 25.19
N SER B 175 -3.60 -3.39 24.64
CA SER B 175 -3.64 -3.04 23.23
C SER B 175 -4.61 -1.89 22.94
N ILE B 176 -4.38 -1.25 21.80
CA ILE B 176 -5.24 -0.20 21.26
C ILE B 176 -5.78 -0.68 19.91
N VAL B 177 -7.06 -0.46 19.66
CA VAL B 177 -7.64 -0.72 18.35
C VAL B 177 -8.24 0.57 17.80
N ASN B 178 -7.80 0.95 16.60
CA ASN B 178 -8.32 2.13 15.92
C ASN B 178 -9.29 1.76 14.80
N LEU B 179 -10.46 2.39 14.78
CA LEU B 179 -11.43 2.17 13.71
C LEU B 179 -11.10 3.01 12.47
N CYS B 180 -10.59 2.33 11.46
CA CYS B 180 -10.07 2.98 10.25
C CYS B 180 -11.11 2.92 9.13
N ASP B 181 -10.67 2.86 7.87
CA ASP B 181 -11.60 2.85 6.73
C ASP B 181 -10.99 2.12 5.55
N ALA B 182 -11.67 1.06 5.09
CA ALA B 182 -11.16 0.21 4.02
C ALA B 182 -10.98 0.95 2.70
N MET B 183 -11.74 2.03 2.55
CA MET B 183 -11.78 2.78 1.30
C MET B 183 -10.89 4.03 1.27
N VAL B 184 -9.95 4.13 2.22
CA VAL B 184 -9.08 5.32 2.32
C VAL B 184 -8.33 5.68 1.02
N ASP B 185 -8.21 4.73 0.11
CA ASP B 185 -7.48 4.94 -1.15
C ASP B 185 -8.39 5.10 -2.37
N GLN B 186 -9.66 4.76 -2.20
CA GLN B 186 -10.69 5.12 -3.17
C GLN B 186 -11.79 5.86 -2.40
N PRO B 187 -11.52 7.13 -2.02
CA PRO B 187 -12.36 7.83 -1.06
C PRO B 187 -13.65 8.35 -1.68
N CSX B 188 -14.64 8.61 -0.82
CA CSX B 188 -15.87 9.27 -1.22
CB CSX B 188 -16.76 9.43 0.01
SG CSX B 188 -17.43 7.76 0.55
C CSX B 188 -15.55 10.63 -1.78
O CSX B 188 -14.71 11.35 -1.25
OD CSX B 188 -18.92 8.04 -0.42
N MET B 189 -16.22 10.98 -2.88
CA MET B 189 -16.07 12.30 -3.49
C MET B 189 -16.43 13.40 -2.51
N ALA B 190 -15.57 14.42 -2.45
CA ALA B 190 -15.72 15.61 -1.61
C ALA B 190 -15.59 15.36 -0.09
N PHE B 191 -14.91 14.28 0.30
CA PHE B 191 -14.67 13.97 1.72
C PHE B 191 -13.19 14.09 2.11
N SER B 192 -12.53 15.16 1.66
CA SER B 192 -11.09 15.31 1.84
CA SER B 192 -11.08 15.32 1.86
C SER B 192 -10.65 15.33 3.31
N LEU B 193 -11.30 16.15 4.14
CA LEU B 193 -10.95 16.23 5.55
C LEU B 193 -11.17 14.91 6.30
N TYR B 194 -12.36 14.32 6.16
CA TYR B 194 -12.61 12.98 6.72
C TYR B 194 -11.55 11.98 6.28
N ASN B 195 -11.24 11.96 4.98
CA ASN B 195 -10.24 11.06 4.44
C ASN B 195 -8.82 11.33 4.96
N MET B 196 -8.46 12.61 5.07
CA MET B 196 -7.19 13.02 5.67
C MET B 196 -7.06 12.52 7.11
N GLY B 197 -8.14 12.66 7.86
CA GLY B 197 -8.21 12.17 9.24
C GLY B 197 -8.03 10.67 9.31
N LYS B 198 -8.71 9.93 8.44
CA LYS B 198 -8.58 8.48 8.42
C LYS B 198 -7.18 8.02 7.98
N HIS B 199 -6.60 8.70 7.00
CA HIS B 199 -5.22 8.43 6.63
C HIS B 199 -4.26 8.67 7.79
N ALA B 200 -4.51 9.74 8.55
CA ALA B 200 -3.68 10.07 9.72
C ALA B 200 -3.82 9.01 10.80
N LEU B 201 -5.01 8.42 10.89
CA LEU B 201 -5.24 7.33 11.84
C LEU B 201 -4.41 6.09 11.52
N VAL B 202 -4.18 5.83 10.23
CA VAL B 202 -3.27 4.77 9.79
C VAL B 202 -1.83 5.10 10.20
N GLY B 203 -1.44 6.36 9.99
CA GLY B 203 -0.13 6.84 10.39
C GLY B 203 0.09 6.63 11.87
N LEU B 204 -0.92 7.00 12.66
CA LEU B 204 -0.87 6.85 14.11
C LEU B 204 -0.79 5.38 14.52
N THR B 205 -1.65 4.56 13.93
CA THR B 205 -1.69 3.11 14.20
C THR B 205 -0.31 2.47 14.03
N GLN B 206 0.39 2.83 12.95
CA GLN B 206 1.72 2.32 12.68
C GLN B 206 2.79 2.94 13.56
N SER B 207 2.74 4.26 13.74
CA SER B 207 3.69 5.00 14.59
C SER B 207 3.66 4.54 16.04
N ALA B 208 2.45 4.40 16.59
CA ALA B 208 2.28 3.99 17.98
C ALA B 208 2.59 2.51 18.21
N ALA B 209 2.36 1.68 17.20
CA ALA B 209 2.71 0.26 17.28
C ALA B 209 4.22 0.10 17.43
N LEU B 210 4.95 0.83 16.58
CA LEU B 210 6.40 0.90 16.65
C LEU B 210 6.88 1.36 18.03
N GLU B 211 6.36 2.50 18.47
CA GLU B 211 6.87 3.17 19.68
C GLU B 211 6.42 2.54 21.00
N LEU B 212 5.20 1.99 21.03
CA LEU B 212 4.66 1.40 22.24
C LEU B 212 4.83 -0.13 22.34
N ALA B 213 5.53 -0.72 21.37
CA ALA B 213 5.87 -2.14 21.41
C ALA B 213 6.79 -2.52 22.58
N PRO B 214 7.88 -1.74 22.83
CA PRO B 214 8.76 -2.08 23.95
C PRO B 214 8.08 -2.01 25.31
N TYR B 215 6.87 -1.43 25.34
CA TYR B 215 6.12 -1.24 26.57
C TYR B 215 5.00 -2.28 26.72
N GLY B 216 4.86 -3.13 25.70
CA GLY B 216 3.88 -4.21 25.72
C GLY B 216 2.49 -3.82 25.24
N ILE B 217 2.38 -2.63 24.66
CA ILE B 217 1.11 -2.14 24.15
C ILE B 217 1.04 -2.37 22.63
N ARG B 218 0.09 -3.22 22.23
CA ARG B 218 -0.14 -3.48 20.82
C ARG B 218 -1.12 -2.47 20.23
N VAL B 219 -0.85 -2.04 19.00
CA VAL B 219 -1.70 -1.04 18.34
C VAL B 219 -2.13 -1.57 16.97
N ASN B 220 -3.43 -1.80 16.83
CA ASN B 220 -3.97 -2.35 15.60
C ASN B 220 -5.17 -1.59 15.10
N GLY B 221 -5.60 -1.89 13.88
CA GLY B 221 -6.77 -1.24 13.29
C GLY B 221 -7.79 -2.22 12.71
N VAL B 222 -9.03 -1.77 12.67
CA VAL B 222 -10.10 -2.47 11.98
C VAL B 222 -10.72 -1.49 10.98
N ALA B 223 -10.70 -1.86 9.71
CA ALA B 223 -11.16 -0.99 8.64
C ALA B 223 -12.45 -1.53 7.98
N PRO B 224 -13.63 -1.01 8.39
CA PRO B 224 -14.87 -1.43 7.76
C PRO B 224 -14.96 -0.83 6.36
N GLY B 225 -15.62 -1.55 5.45
CA GLY B 225 -16.02 -0.98 4.17
C GLY B 225 -17.35 -0.29 4.40
N VAL B 226 -18.41 -0.85 3.85
CA VAL B 226 -19.75 -0.42 4.26
C VAL B 226 -20.23 -1.29 5.41
N SER B 227 -20.45 -0.65 6.55
CA SER B 227 -21.09 -1.28 7.70
C SER B 227 -22.43 -0.58 7.92
N LEU B 228 -22.82 -0.39 9.17
CA LEU B 228 -24.05 0.33 9.52
C LEU B 228 -24.11 1.70 8.84
N LEU B 229 -25.13 1.87 8.01
CA LEU B 229 -25.32 3.08 7.22
C LEU B 229 -26.03 4.16 8.03
N PRO B 230 -25.88 5.45 7.64
CA PRO B 230 -26.49 6.54 8.38
C PRO B 230 -27.99 6.35 8.65
N VAL B 231 -28.44 6.85 9.80
CA VAL B 231 -29.86 6.81 10.18
C VAL B 231 -30.67 7.66 9.20
N ALA B 232 -30.09 8.80 8.81
CA ALA B 232 -30.74 9.74 7.90
C ALA B 232 -30.88 9.19 6.48
N MET B 233 -30.00 8.26 6.10
CA MET B 233 -30.00 7.66 4.76
C MET B 233 -31.28 6.86 4.51
N GLY B 234 -31.87 7.07 3.33
CA GLY B 234 -33.05 6.32 2.91
C GLY B 234 -32.68 4.93 2.43
N GLU B 235 -33.69 4.08 2.32
CA GLU B 235 -33.49 2.67 1.96
C GLU B 235 -32.98 2.49 0.53
N GLU B 236 -33.44 3.35 -0.38
CA GLU B 236 -32.98 3.30 -1.78
C GLU B 236 -31.46 3.47 -1.89
N GLU B 237 -30.91 4.48 -1.19
CA GLU B 237 -29.47 4.75 -1.23
C GLU B 237 -28.66 3.69 -0.50
N LYS B 238 -29.25 3.11 0.55
CA LYS B 238 -28.62 2.03 1.31
C LYS B 238 -28.35 0.82 0.43
N ASP B 239 -29.35 0.42 -0.35
CA ASP B 239 -29.22 -0.71 -1.28
C ASP B 239 -28.18 -0.48 -2.38
N LYS B 240 -27.98 0.79 -2.75
CA LYS B 240 -26.95 1.15 -3.71
C LYS B 240 -25.56 0.83 -3.17
N TRP B 241 -25.32 1.16 -1.90
CA TRP B 241 -24.05 0.83 -1.25
C TRP B 241 -23.93 -0.66 -0.95
N ARG B 242 -25.08 -1.29 -0.66
CA ARG B 242 -25.14 -2.73 -0.41
C ARG B 242 -24.76 -3.55 -1.64
N ARG B 243 -25.28 -3.17 -2.81
CA ARG B 243 -25.03 -3.89 -4.06
C ARG B 243 -23.57 -3.83 -4.55
N LYS B 244 -22.77 -2.95 -3.97
CA LYS B 244 -21.36 -2.82 -4.34
C LYS B 244 -20.52 -3.96 -3.75
N VAL B 245 -20.96 -4.50 -2.61
CA VAL B 245 -20.21 -5.50 -1.84
C VAL B 245 -20.22 -6.88 -2.50
N PRO B 246 -19.04 -7.38 -2.92
CA PRO B 246 -18.90 -8.71 -3.52
C PRO B 246 -19.42 -9.83 -2.62
N LEU B 247 -19.12 -9.76 -1.33
CA LEU B 247 -19.47 -10.82 -0.39
C LEU B 247 -20.84 -10.61 0.24
N GLY B 248 -21.88 -11.00 -0.50
CA GLY B 248 -23.24 -11.05 0.02
C GLY B 248 -24.12 -9.86 -0.31
N ARG B 249 -23.63 -8.96 -1.15
CA ARG B 249 -24.34 -7.72 -1.52
C ARG B 249 -24.98 -7.04 -0.30
N ARG B 250 -24.22 -7.01 0.80
CA ARG B 250 -24.73 -6.52 2.07
C ARG B 250 -23.64 -5.87 2.92
N GLU B 251 -24.06 -4.99 3.83
CA GLU B 251 -23.14 -4.32 4.74
C GLU B 251 -22.81 -5.20 5.95
N ALA B 252 -21.69 -4.88 6.59
CA ALA B 252 -21.30 -5.57 7.82
C ALA B 252 -22.20 -5.13 8.96
N SER B 253 -22.78 -6.10 9.65
CA SER B 253 -23.45 -5.83 10.92
C SER B 253 -22.42 -5.26 11.89
N ALA B 254 -22.87 -4.40 12.79
CA ALA B 254 -21.98 -3.85 13.83
C ALA B 254 -21.21 -4.95 14.57
N GLU B 255 -21.85 -6.10 14.72
N GLU B 255 -21.85 -6.11 14.77
CA GLU B 255 -21.32 -7.28 15.40
CA GLU B 255 -21.22 -7.25 15.46
C GLU B 255 -20.09 -7.87 14.70
C GLU B 255 -20.01 -7.80 14.70
N GLN B 256 -20.13 -7.89 13.38
CA GLN B 256 -19.04 -8.41 12.55
C GLN B 256 -17.79 -7.51 12.59
N ILE B 257 -18.01 -6.21 12.72
CA ILE B 257 -16.94 -5.26 12.97
C ILE B 257 -16.31 -5.53 14.33
N ALA B 258 -17.17 -5.65 15.36
CA ALA B 258 -16.72 -5.92 16.73
C ALA B 258 -15.93 -7.21 16.87
N ASP B 259 -16.29 -8.21 16.07
CA ASP B 259 -15.58 -9.49 16.03
C ASP B 259 -14.10 -9.30 15.71
N ALA B 260 -13.80 -8.41 14.77
CA ALA B 260 -12.43 -8.13 14.38
C ALA B 260 -11.71 -7.43 15.52
N VAL B 261 -12.41 -6.50 16.18
CA VAL B 261 -11.87 -5.78 17.35
C VAL B 261 -11.51 -6.76 18.47
N ILE B 262 -12.43 -7.68 18.76
CA ILE B 262 -12.24 -8.68 19.84
C ILE B 262 -11.07 -9.62 19.55
N PHE B 263 -10.86 -9.96 18.28
CA PHE B 263 -9.72 -10.78 17.91
C PHE B 263 -8.41 -10.08 18.26
N LEU B 264 -8.29 -8.82 17.88
CA LEU B 264 -7.07 -8.04 18.08
C LEU B 264 -6.74 -7.78 19.55
N VAL B 265 -7.77 -7.67 20.39
CA VAL B 265 -7.56 -7.50 21.83
C VAL B 265 -7.27 -8.84 22.55
N SER B 266 -7.71 -9.95 21.95
CA SER B 266 -7.56 -11.28 22.54
C SER B 266 -6.13 -11.83 22.48
N GLY B 267 -5.90 -12.92 23.22
CA GLY B 267 -4.62 -13.60 23.24
C GLY B 267 -4.29 -14.34 21.96
N SER B 268 -5.25 -14.41 21.04
CA SER B 268 -5.04 -15.00 19.73
C SER B 268 -4.28 -14.02 18.82
N ALA B 269 -4.02 -12.82 19.32
CA ALA B 269 -3.35 -11.77 18.55
C ALA B 269 -2.14 -11.17 19.26
N GLN B 270 -1.52 -11.95 20.15
CA GLN B 270 -0.41 -11.48 21.00
C GLN B 270 0.84 -11.03 20.22
N TYR B 271 0.98 -11.48 18.98
CA TYR B 271 2.14 -11.11 18.16
C TYR B 271 1.76 -10.08 17.08
N ILE B 272 0.47 -9.76 17.00
CA ILE B 272 -0.06 -8.83 16.01
C ILE B 272 -0.07 -7.38 16.52
N THR B 273 0.76 -6.54 15.90
CA THR B 273 0.74 -5.09 16.15
C THR B 273 1.08 -4.30 14.88
N GLY B 274 0.38 -3.18 14.68
CA GLY B 274 0.57 -2.35 13.50
C GLY B 274 -0.19 -2.89 12.30
N SER B 275 -1.11 -3.82 12.56
CA SER B 275 -1.93 -4.43 11.52
CA SER B 275 -1.92 -4.43 11.50
C SER B 275 -3.32 -3.81 11.44
N ILE B 276 -3.75 -3.51 10.22
CA ILE B 276 -5.07 -3.00 9.98
C ILE B 276 -5.87 -4.04 9.19
N ILE B 277 -6.83 -4.66 9.86
CA ILE B 277 -7.66 -5.70 9.26
C ILE B 277 -8.86 -5.08 8.56
N LYS B 278 -8.92 -5.27 7.24
CA LYS B 278 -10.10 -4.91 6.46
C LYS B 278 -11.23 -5.86 6.77
N VAL B 279 -12.40 -5.29 7.06
CA VAL B 279 -13.65 -6.04 7.20
C VAL B 279 -14.65 -5.38 6.24
N ASP B 280 -14.42 -5.58 4.95
CA ASP B 280 -15.17 -4.86 3.93
C ASP B 280 -15.87 -5.78 2.94
N GLY B 281 -15.77 -7.08 3.16
CA GLY B 281 -16.34 -8.06 2.24
C GLY B 281 -15.81 -7.94 0.83
N GLY B 282 -14.57 -7.46 0.70
CA GLY B 282 -13.94 -7.30 -0.61
C GLY B 282 -14.32 -6.05 -1.38
N LEU B 283 -14.95 -5.09 -0.70
CA LEU B 283 -15.40 -3.84 -1.32
C LEU B 283 -14.27 -3.03 -1.96
N SER B 284 -13.15 -2.92 -1.24
CA SER B 284 -11.99 -2.15 -1.71
C SER B 284 -11.35 -2.75 -2.96
N LEU B 285 -11.67 -4.00 -3.26
CA LEU B 285 -11.08 -4.68 -4.41
C LEU B 285 -11.81 -4.40 -5.72
N VAL B 286 -13.02 -3.86 -5.63
CA VAL B 286 -13.86 -3.63 -6.82
C VAL B 286 -13.53 -2.30 -7.49
N HIS B 287 -13.08 -2.38 -8.74
CA HIS B 287 -12.77 -1.17 -9.52
C HIS B 287 -14.02 -0.40 -9.94
N ALA B 288 -13.82 0.80 -10.47
CA ALA B 288 -14.88 1.69 -10.95
C ALA B 288 -15.67 1.08 -12.12
N GLU C 22 29.18 8.26 -27.83
CA GLU C 22 28.19 7.85 -28.87
C GLU C 22 26.81 7.55 -28.25
N ALA C 23 25.83 7.23 -29.10
CA ALA C 23 24.45 7.03 -28.70
C ALA C 23 24.25 5.82 -27.76
N PRO C 24 23.41 5.99 -26.72
CA PRO C 24 23.07 4.89 -25.83
C PRO C 24 22.07 3.96 -26.51
N ALA C 25 22.00 2.71 -26.05
CA ALA C 25 21.10 1.73 -26.65
C ALA C 25 20.03 1.25 -25.68
N ALA C 26 18.82 1.05 -26.21
CA ALA C 26 17.68 0.58 -25.46
C ALA C 26 17.06 -0.68 -26.07
N VAL C 27 16.63 -1.61 -25.20
CA VAL C 27 15.81 -2.75 -25.60
C VAL C 27 14.38 -2.50 -25.11
N VAL C 28 13.42 -2.58 -26.03
CA VAL C 28 12.00 -2.51 -25.69
C VAL C 28 11.32 -3.77 -26.21
N THR C 29 10.75 -4.56 -25.29
CA THR C 29 10.02 -5.78 -25.66
C THR C 29 8.60 -5.45 -26.08
N GLY C 30 8.08 -6.20 -27.05
CA GLY C 30 6.73 -5.98 -27.59
C GLY C 30 6.57 -4.59 -28.18
N ALA C 31 7.58 -4.16 -28.93
CA ALA C 31 7.69 -2.77 -29.39
C ALA C 31 7.20 -2.55 -30.82
N ALA C 32 6.59 -3.55 -31.41
CA ALA C 32 6.12 -3.46 -32.79
C ALA C 32 4.86 -2.60 -32.90
N LYS C 33 4.06 -2.57 -31.84
CA LYS C 33 2.76 -1.92 -31.85
C LYS C 33 2.47 -1.15 -30.57
N ARG C 34 1.50 -0.24 -30.66
CA ARG C 34 0.82 0.36 -29.50
C ARG C 34 1.78 1.07 -28.52
N ILE C 35 1.66 0.77 -27.22
CA ILE C 35 2.47 1.46 -26.21
C ILE C 35 3.96 1.24 -26.42
N GLY C 36 4.33 -0.01 -26.70
CA GLY C 36 5.72 -0.38 -26.95
C GLY C 36 6.36 0.39 -28.10
N ARG C 37 5.57 0.61 -29.15
CA ARG C 37 6.01 1.40 -30.32
C ARG C 37 6.29 2.84 -29.93
N ALA C 38 5.37 3.43 -29.17
CA ALA C 38 5.51 4.79 -28.66
C ALA C 38 6.76 4.94 -27.80
N ILE C 39 7.05 3.93 -27.00
CA ILE C 39 8.23 3.93 -26.14
C ILE C 39 9.51 3.89 -26.98
N ALA C 40 9.54 2.98 -27.98
CA ALA C 40 10.70 2.85 -28.85
C ALA C 40 10.94 4.14 -29.64
N VAL C 41 9.87 4.70 -30.21
CA VAL C 41 9.94 5.93 -30.99
C VAL C 41 10.50 7.08 -30.15
N LYS C 42 9.93 7.27 -28.96
CA LYS C 42 10.31 8.39 -28.09
C LYS C 42 11.74 8.25 -27.59
N LEU C 43 12.16 7.03 -27.27
CA LEU C 43 13.55 6.77 -26.92
C LEU C 43 14.47 7.08 -28.10
N HIS C 44 14.07 6.65 -29.31
CA HIS C 44 14.83 6.95 -30.53
C HIS C 44 14.94 8.45 -30.76
N GLN C 45 13.83 9.17 -30.62
CA GLN C 45 13.78 10.64 -30.76
C GLN C 45 14.64 11.37 -29.73
N THR C 46 14.92 10.70 -28.61
CA THR C 46 15.78 11.24 -27.56
C THR C 46 17.26 11.01 -27.88
N GLY C 47 17.53 10.04 -28.75
CA GLY C 47 18.89 9.76 -29.21
C GLY C 47 19.37 8.34 -28.99
N TYR C 48 18.46 7.47 -28.53
CA TYR C 48 18.79 6.07 -28.30
C TYR C 48 18.77 5.27 -29.59
N ARG C 49 19.74 4.37 -29.73
CA ARG C 49 19.64 3.29 -30.71
C ARG C 49 18.78 2.21 -30.07
N VAL C 50 17.89 1.60 -30.85
CA VAL C 50 16.88 0.72 -30.27
C VAL C 50 16.80 -0.69 -30.85
N VAL C 51 16.49 -1.64 -29.98
CA VAL C 51 16.14 -2.99 -30.37
C VAL C 51 14.63 -3.13 -30.23
N ILE C 52 13.97 -3.39 -31.36
CA ILE C 52 12.52 -3.52 -31.41
C ILE C 52 12.13 -5.00 -31.32
N HIS C 53 12.06 -5.52 -30.09
CA HIS C 53 11.60 -6.90 -29.89
C HIS C 53 10.13 -7.03 -30.26
N TYR C 54 9.81 -8.15 -30.90
CA TYR C 54 8.45 -8.47 -31.29
C TYR C 54 8.23 -9.98 -31.18
N HIS C 55 6.96 -10.39 -31.16
CA HIS C 55 6.63 -11.82 -31.16
C HIS C 55 5.98 -12.24 -32.48
N ASN C 56 4.74 -11.82 -32.71
CA ASN C 56 4.00 -12.16 -33.92
C ASN C 56 3.93 -11.03 -34.95
N SER C 57 3.99 -9.79 -34.48
CA SER C 57 3.89 -8.62 -35.34
C SER C 57 5.19 -8.31 -36.08
N ALA C 58 5.60 -9.27 -36.92
CA ALA C 58 6.83 -9.17 -37.71
C ALA C 58 6.83 -8.01 -38.70
N GLU C 59 5.67 -7.83 -39.35
CA GLU C 59 5.49 -6.80 -40.38
C GLU C 59 5.65 -5.41 -39.79
N ALA C 60 4.98 -5.18 -38.64
CA ALA C 60 4.96 -3.89 -37.96
C ALA C 60 6.32 -3.48 -37.41
N ALA C 61 7.06 -4.46 -36.90
CA ALA C 61 8.39 -4.23 -36.32
C ALA C 61 9.43 -3.83 -37.36
N VAL C 62 9.45 -4.56 -38.48
CA VAL C 62 10.35 -4.27 -39.59
C VAL C 62 10.00 -2.90 -40.21
N SER C 63 8.71 -2.60 -40.28
CA SER C 63 8.22 -1.30 -40.72
C SER C 63 8.73 -0.18 -39.80
N LEU C 64 8.64 -0.40 -38.49
CA LEU C 64 9.12 0.56 -37.51
C LEU C 64 10.65 0.72 -37.57
N ALA C 65 11.35 -0.39 -37.71
CA ALA C 65 12.81 -0.38 -37.86
C ALA C 65 13.25 0.42 -39.09
N ASP C 66 12.49 0.28 -40.18
CA ASP C 66 12.70 1.04 -41.42
C ASP C 66 12.52 2.54 -41.23
N GLU C 67 11.42 2.89 -40.58
CA GLU C 67 11.07 4.27 -40.28
C GLU C 67 12.15 4.98 -39.46
N LEU C 68 12.63 4.31 -38.41
CA LEU C 68 13.65 4.88 -37.53
C LEU C 68 15.00 4.98 -38.21
N ASN C 69 15.38 3.96 -38.97
CA ASN C 69 16.65 3.95 -39.72
C ASN C 69 16.72 5.01 -40.82
N LYS C 70 15.58 5.36 -41.42
CA LYS C 70 15.50 6.43 -42.40
C LYS C 70 15.88 7.76 -41.75
N GLU C 71 15.49 7.93 -40.49
CA GLU C 71 15.78 9.14 -39.71
C GLU C 71 17.26 9.20 -39.33
N ARG C 72 17.76 8.12 -38.73
CA ARG C 72 19.18 7.99 -38.38
C ARG C 72 19.68 6.60 -38.76
N SER C 73 20.65 6.56 -39.67
CA SER C 73 21.17 5.30 -40.22
C SER C 73 21.71 4.38 -39.12
N ASN C 74 21.32 3.11 -39.19
CA ASN C 74 21.81 2.05 -38.28
C ASN C 74 21.56 2.30 -36.79
N THR C 75 20.35 2.75 -36.45
CA THR C 75 19.98 3.00 -35.05
C THR C 75 18.83 2.11 -34.57
N ALA C 76 18.34 1.23 -35.44
CA ALA C 76 17.26 0.31 -35.08
C ALA C 76 17.44 -1.07 -35.70
N VAL C 77 17.21 -2.09 -34.88
CA VAL C 77 17.15 -3.49 -35.32
C VAL C 77 15.94 -4.16 -34.67
N VAL C 78 15.41 -5.19 -35.32
CA VAL C 78 14.35 -6.01 -34.75
C VAL C 78 14.92 -7.25 -34.07
N CYS C 79 14.16 -7.84 -33.15
CA CYS C 79 14.55 -9.06 -32.46
C CYS C 79 13.33 -9.92 -32.10
N GLN C 80 13.15 -11.02 -32.80
CA GLN C 80 12.00 -11.92 -32.57
C GLN C 80 12.27 -12.85 -31.40
N ALA C 81 11.28 -12.97 -30.50
CA ALA C 81 11.35 -13.91 -29.39
C ALA C 81 9.99 -14.14 -28.74
N ASP C 82 9.70 -15.42 -28.49
CA ASP C 82 8.57 -15.82 -27.68
C ASP C 82 8.98 -15.72 -26.21
N LEU C 83 8.16 -15.01 -25.43
CA LEU C 83 8.43 -14.78 -24.01
C LEU C 83 7.48 -15.55 -23.08
N THR C 84 6.78 -16.54 -23.64
CA THR C 84 6.09 -17.56 -22.86
C THR C 84 7.12 -18.30 -22.00
N ASN C 85 6.74 -18.62 -20.75
CA ASN C 85 7.60 -19.40 -19.86
C ASN C 85 7.92 -20.79 -20.40
N SER C 86 9.17 -21.19 -20.25
CA SER C 86 9.65 -22.50 -20.67
C SER C 86 11.08 -22.65 -20.17
N ASN C 87 11.64 -23.84 -20.33
CA ASN C 87 13.04 -24.09 -19.98
C ASN C 87 14.05 -23.37 -20.89
N VAL C 88 13.59 -22.92 -22.06
CA VAL C 88 14.48 -22.19 -22.99
CA VAL C 88 14.45 -22.20 -23.01
C VAL C 88 14.34 -20.67 -22.85
N LEU C 89 13.31 -20.23 -22.12
CA LEU C 89 13.09 -18.79 -21.92
C LEU C 89 14.33 -18.04 -21.40
N PRO C 90 15.05 -18.60 -20.39
CA PRO C 90 16.30 -17.96 -19.96
C PRO C 90 17.30 -17.70 -21.09
N ALA C 91 17.38 -18.63 -22.05
CA ALA C 91 18.27 -18.46 -23.20
C ALA C 91 17.68 -17.53 -24.26
N SER C 92 16.35 -17.43 -24.31
CA SER C 92 15.66 -16.51 -25.22
C SER C 92 15.86 -15.07 -24.76
N CYS C 93 15.87 -14.88 -23.44
CA CYS C 93 16.08 -13.56 -22.84
C CYS C 93 17.55 -13.13 -22.89
N GLU C 94 18.46 -14.09 -22.71
CA GLU C 94 19.90 -13.81 -22.86
C GLU C 94 20.21 -13.39 -24.29
N GLU C 95 19.54 -14.01 -25.26
CA GLU C 95 19.72 -13.68 -26.68
C GLU C 95 19.24 -12.26 -27.03
N ILE C 96 18.14 -11.83 -26.43
CA ILE C 96 17.60 -10.47 -26.67
C ILE C 96 18.62 -9.40 -26.27
N ILE C 97 19.25 -9.59 -25.10
CA ILE C 97 20.28 -8.68 -24.61
C ILE C 97 21.54 -8.77 -25.48
N ASN C 98 21.97 -10.00 -25.77
CA ASN C 98 23.06 -10.27 -26.72
C ASN C 98 22.87 -9.51 -28.04
N SER C 99 21.64 -9.51 -28.55
CA SER C 99 21.30 -8.85 -29.81
C SER C 99 21.49 -7.34 -29.76
N CYS C 100 21.43 -6.77 -28.56
CA CYS C 100 21.68 -5.34 -28.35
C CYS C 100 23.16 -5.03 -28.37
N PHE C 101 23.95 -5.89 -27.72
CA PHE C 101 25.41 -5.79 -27.77
C PHE C 101 25.96 -6.09 -29.17
N ARG C 102 25.34 -7.04 -29.86
CA ARG C 102 25.71 -7.38 -31.23
C ARG C 102 25.54 -6.21 -32.17
N ALA C 103 24.39 -5.54 -32.07
CA ALA C 103 24.04 -4.46 -33.00
C ALA C 103 24.70 -3.13 -32.64
N PHE C 104 24.82 -2.85 -31.34
CA PHE C 104 25.23 -1.52 -30.87
C PHE C 104 26.44 -1.51 -29.93
N GLY C 105 26.83 -2.68 -29.45
CA GLY C 105 27.99 -2.81 -28.56
C GLY C 105 27.76 -2.33 -27.14
N ARG C 106 26.50 -2.07 -26.79
CA ARG C 106 26.11 -1.62 -25.45
C ARG C 106 24.62 -1.79 -25.25
N CYS C 107 24.19 -1.81 -23.99
CA CYS C 107 22.77 -1.90 -23.63
C CYS C 107 22.51 -1.12 -22.35
N ASP C 108 21.94 0.07 -22.50
CA ASP C 108 21.78 0.98 -21.38
C ASP C 108 20.40 0.90 -20.72
N VAL C 109 19.38 0.67 -21.54
CA VAL C 109 17.99 0.67 -21.08
C VAL C 109 17.25 -0.62 -21.47
N LEU C 110 16.59 -1.23 -20.48
CA LEU C 110 15.65 -2.32 -20.73
C LEU C 110 14.24 -1.87 -20.39
N VAL C 111 13.33 -2.00 -21.34
CA VAL C 111 11.92 -1.67 -21.12
C VAL C 111 11.09 -2.94 -21.27
N ASN C 112 10.61 -3.45 -20.14
CA ASN C 112 9.77 -4.63 -20.13
C ASN C 112 8.31 -4.27 -20.37
N ASN C 113 7.95 -4.26 -21.66
CA ASN C 113 6.62 -3.85 -22.11
C ASN C 113 5.72 -5.01 -22.55
N ALA C 114 6.30 -6.04 -23.16
CA ALA C 114 5.52 -7.18 -23.69
C ALA C 114 4.62 -7.83 -22.62
N SER C 115 3.39 -8.18 -23.00
CA SER C 115 2.40 -8.65 -22.03
C SER C 115 1.25 -9.44 -22.65
N ALA C 116 1.03 -10.64 -22.13
CA ALA C 116 -0.18 -11.39 -22.43
C ALA C 116 -1.27 -10.88 -21.50
N PHE C 117 -2.47 -10.76 -22.04
CA PHE C 117 -3.62 -10.25 -21.30
C PHE C 117 -4.91 -10.87 -21.83
N TYR C 118 -5.50 -11.77 -21.04
CA TYR C 118 -6.79 -12.38 -21.35
C TYR C 118 -7.36 -13.02 -20.08
N PRO C 119 -8.70 -13.19 -20.01
CA PRO C 119 -9.26 -13.75 -18.78
C PRO C 119 -8.87 -15.22 -18.55
N THR C 120 -8.76 -15.60 -17.27
CA THR C 120 -8.53 -16.98 -16.86
C THR C 120 -9.40 -17.31 -15.65
N PRO C 121 -10.70 -17.61 -15.88
CA PRO C 121 -11.62 -17.80 -14.76
C PRO C 121 -11.26 -19.01 -13.92
N LEU C 122 -11.42 -18.88 -12.61
CA LEU C 122 -11.13 -19.96 -11.66
C LEU C 122 -12.17 -21.07 -11.72
N VAL C 123 -13.38 -20.71 -12.15
CA VAL C 123 -14.49 -21.64 -12.24
C VAL C 123 -14.89 -21.87 -13.71
N GLY C 133 -8.70 -23.06 -27.41
CA GLY C 133 -8.38 -24.30 -26.71
C GLY C 133 -7.09 -24.21 -25.91
N LYS C 134 -6.94 -23.09 -25.19
CA LYS C 134 -5.76 -22.90 -24.36
C LYS C 134 -5.90 -23.64 -23.05
N THR C 135 -4.98 -24.60 -22.83
CA THR C 135 -4.89 -25.32 -21.57
C THR C 135 -4.39 -24.36 -20.49
N VAL C 136 -4.62 -24.73 -19.23
CA VAL C 136 -4.19 -23.89 -18.11
C VAL C 136 -2.65 -23.78 -18.03
N GLU C 137 -1.96 -24.88 -18.33
CA GLU C 137 -0.49 -24.85 -18.40
C GLU C 137 0.01 -23.81 -19.39
N THR C 138 -0.65 -23.70 -20.54
CA THR C 138 -0.34 -22.67 -21.52
C THR C 138 -0.67 -21.27 -20.98
N GLN C 139 -1.86 -21.13 -20.38
CA GLN C 139 -2.31 -19.86 -19.80
C GLN C 139 -1.33 -19.32 -18.75
N VAL C 140 -0.89 -20.21 -17.84
CA VAL C 140 0.12 -19.88 -16.84
C VAL C 140 1.45 -19.50 -17.50
N ALA C 141 1.85 -20.25 -18.52
CA ALA C 141 3.11 -20.02 -19.21
C ALA C 141 3.17 -18.64 -19.88
N GLU C 142 2.08 -18.26 -20.53
CA GLU C 142 1.98 -17.01 -21.29
C GLU C 142 1.83 -15.78 -20.40
N LEU C 143 0.94 -15.87 -19.41
CA LEU C 143 0.61 -14.72 -18.56
C LEU C 143 1.68 -14.45 -17.51
N ILE C 144 2.12 -15.49 -16.81
CA ILE C 144 3.19 -15.34 -15.83
C ILE C 144 4.53 -15.14 -16.54
N GLY C 145 4.73 -15.85 -17.65
CA GLY C 145 5.94 -15.71 -18.46
C GLY C 145 6.18 -14.32 -18.99
N THR C 146 5.21 -13.78 -19.74
CA THR C 146 5.37 -12.46 -20.36
C THR C 146 5.49 -11.34 -19.31
N ASN C 147 4.58 -11.38 -18.34
CA ASN C 147 4.46 -10.31 -17.35
C ASN C 147 5.48 -10.31 -16.23
N ALA C 148 6.10 -11.46 -15.96
CA ALA C 148 6.94 -11.58 -14.77
C ALA C 148 8.28 -12.29 -14.96
N ILE C 149 8.24 -13.55 -15.39
CA ILE C 149 9.45 -14.37 -15.52
CA ILE C 149 9.44 -14.38 -15.54
C ILE C 149 10.39 -13.82 -16.61
N ALA C 150 9.82 -13.44 -17.76
CA ALA C 150 10.61 -12.84 -18.83
C ALA C 150 11.28 -11.53 -18.39
N PRO C 151 10.50 -10.58 -17.81
CA PRO C 151 11.10 -9.41 -17.14
C PRO C 151 12.23 -9.75 -16.17
N PHE C 152 12.06 -10.80 -15.36
CA PHE C 152 13.10 -11.24 -14.43
C PHE C 152 14.37 -11.73 -15.14
N LEU C 153 14.21 -12.64 -16.08
CA LEU C 153 15.35 -13.19 -16.83
C LEU C 153 16.09 -12.14 -17.65
N LEU C 154 15.34 -11.17 -18.20
CA LEU C 154 15.92 -10.08 -18.97
C LEU C 154 16.72 -9.14 -18.05
N THR C 155 16.16 -8.87 -16.87
CA THR C 155 16.86 -8.11 -15.82
C THR C 155 18.18 -8.81 -15.46
N MET C 156 18.13 -10.13 -15.32
CA MET C 156 19.32 -10.95 -15.10
C MET C 156 20.38 -10.76 -16.18
N SER C 157 20.00 -11.03 -17.43
CA SER C 157 20.91 -10.93 -18.57
C SER C 157 21.43 -9.50 -18.79
N PHE C 158 20.54 -8.52 -18.65
CA PHE C 158 20.90 -7.11 -18.68
C PHE C 158 22.01 -6.79 -17.67
N ALA C 159 21.79 -7.17 -16.41
CA ALA C 159 22.71 -6.90 -15.32
C ALA C 159 24.04 -7.63 -15.48
N GLN C 160 23.97 -8.90 -15.87
CA GLN C 160 25.16 -9.72 -16.08
C GLN C 160 26.06 -9.15 -17.18
N ARG C 161 25.46 -8.50 -18.17
CA ARG C 161 26.22 -7.96 -19.30
C ARG C 161 26.85 -6.59 -19.07
N GLN C 162 26.55 -5.97 -17.92
CA GLN C 162 27.04 -4.61 -17.65
C GLN C 162 28.36 -4.64 -16.88
N ASN C 173 24.20 6.02 -17.35
CA ASN C 173 22.83 6.08 -16.85
C ASN C 173 22.04 4.83 -17.26
N LEU C 174 22.33 3.72 -16.58
CA LEU C 174 21.67 2.45 -16.83
C LEU C 174 20.41 2.34 -15.98
N SER C 175 19.31 1.98 -16.62
CA SER C 175 18.05 1.76 -15.91
C SER C 175 17.12 0.79 -16.64
N ILE C 176 16.20 0.21 -15.88
CA ILE C 176 15.16 -0.67 -16.39
C ILE C 176 13.81 -0.05 -16.06
N VAL C 177 12.87 -0.08 -17.01
CA VAL C 177 11.49 0.30 -16.74
C VAL C 177 10.52 -0.86 -17.04
N ASN C 178 9.76 -1.25 -16.03
CA ASN C 178 8.74 -2.29 -16.13
C ASN C 178 7.34 -1.70 -16.29
N LEU C 179 6.64 -2.11 -17.35
CA LEU C 179 5.27 -1.66 -17.57
C LEU C 179 4.30 -2.45 -16.70
N CYS C 180 3.84 -1.80 -15.63
CA CYS C 180 3.01 -2.43 -14.62
C CYS C 180 1.52 -2.23 -14.90
N ASP C 181 0.72 -2.06 -13.86
CA ASP C 181 -0.72 -1.86 -14.02
C ASP C 181 -1.27 -1.09 -12.83
N ALA C 182 -1.88 0.06 -13.08
CA ALA C 182 -2.42 0.94 -12.03
C ALA C 182 -3.59 0.30 -11.28
N MET C 183 -4.15 -0.76 -11.85
CA MET C 183 -5.33 -1.40 -11.29
C MET C 183 -5.05 -2.74 -10.62
N VAL C 184 -3.80 -2.98 -10.23
CA VAL C 184 -3.40 -4.27 -9.64
C VAL C 184 -4.08 -4.62 -8.33
N ASP C 185 -4.46 -3.61 -7.55
CA ASP C 185 -5.12 -3.83 -6.27
C ASP C 185 -6.63 -3.75 -6.40
N GLN C 186 -7.10 -3.56 -7.63
CA GLN C 186 -8.53 -3.56 -7.98
C GLN C 186 -8.69 -4.22 -9.36
N PRO C 187 -8.51 -5.54 -9.44
CA PRO C 187 -8.31 -6.17 -10.74
C PRO C 187 -9.62 -6.50 -11.48
N CSX C 188 -9.55 -6.62 -12.80
CA CSX C 188 -10.63 -7.13 -13.61
CB CSX C 188 -10.19 -7.32 -15.06
SG CSX C 188 -9.38 -5.76 -15.72
C CSX C 188 -11.08 -8.49 -13.13
O CSX C 188 -10.25 -9.33 -12.77
OD CSX C 188 -10.93 -4.91 -15.51
N MET C 189 -12.39 -8.69 -13.11
CA MET C 189 -12.99 -9.98 -12.79
C MET C 189 -12.42 -11.09 -13.68
N ALA C 190 -12.04 -12.20 -13.05
CA ALA C 190 -11.54 -13.40 -13.74
C ALA C 190 -10.19 -13.24 -14.44
N PHE C 191 -9.35 -12.37 -13.89
CA PHE C 191 -8.01 -12.13 -14.43
C PHE C 191 -6.91 -12.49 -13.43
N SER C 192 -7.13 -13.57 -12.68
CA SER C 192 -6.19 -13.99 -11.63
CA SER C 192 -6.19 -14.00 -11.63
C SER C 192 -4.77 -14.13 -12.15
N LEU C 193 -4.59 -14.89 -13.23
CA LEU C 193 -3.25 -15.15 -13.77
C LEU C 193 -2.54 -13.88 -14.27
N TYR C 194 -3.23 -13.07 -15.07
CA TYR C 194 -2.70 -11.78 -15.49
C TYR C 194 -2.31 -10.91 -14.29
N ASN C 195 -3.20 -10.82 -13.31
CA ASN C 195 -2.96 -10.00 -12.12
C ASN C 195 -1.84 -10.53 -11.24
N MET C 196 -1.77 -11.85 -11.10
CA MET C 196 -0.67 -12.50 -10.39
C MET C 196 0.66 -12.11 -11.03
N GLY C 197 0.71 -12.13 -12.36
CA GLY C 197 1.89 -11.73 -13.12
C GLY C 197 2.30 -10.27 -12.88
N LYS C 198 1.33 -9.37 -12.94
CA LYS C 198 1.59 -7.94 -12.74
C LYS C 198 2.01 -7.65 -11.31
N HIS C 199 1.40 -8.35 -10.35
CA HIS C 199 1.83 -8.28 -8.96
C HIS C 199 3.29 -8.73 -8.79
N ALA C 200 3.66 -9.84 -9.41
CA ALA C 200 5.05 -10.31 -9.38
C ALA C 200 6.00 -9.27 -9.98
N LEU C 201 5.56 -8.63 -11.06
CA LEU C 201 6.32 -7.58 -11.73
C LEU C 201 6.64 -6.41 -10.79
N VAL C 202 5.71 -6.07 -9.90
CA VAL C 202 5.95 -5.10 -8.83
C VAL C 202 7.07 -5.61 -7.91
N GLY C 203 6.95 -6.88 -7.52
CA GLY C 203 7.93 -7.54 -6.66
C GLY C 203 9.32 -7.51 -7.27
N LEU C 204 9.41 -7.81 -8.56
CA LEU C 204 10.69 -7.72 -9.28
C LEU C 204 11.23 -6.29 -9.28
N THR C 205 10.39 -5.32 -9.62
CA THR C 205 10.80 -3.91 -9.69
C THR C 205 11.50 -3.49 -8.40
N GLN C 206 10.89 -3.83 -7.27
CA GLN C 206 11.41 -3.46 -5.96
C GLN C 206 12.64 -4.28 -5.55
N SER C 207 12.61 -5.59 -5.80
CA SER C 207 13.75 -6.48 -5.48
CA SER C 207 13.75 -6.45 -5.45
C SER C 207 14.97 -6.16 -6.33
N ALA C 208 14.75 -5.85 -7.61
CA ALA C 208 15.86 -5.58 -8.54
C ALA C 208 16.47 -4.19 -8.32
N ALA C 209 15.64 -3.26 -7.88
CA ALA C 209 16.09 -1.92 -7.51
C ALA C 209 17.05 -1.98 -6.33
N LEU C 210 16.69 -2.76 -5.32
CA LEU C 210 17.54 -2.97 -4.16
C LEU C 210 18.85 -3.64 -4.56
N GLU C 211 18.75 -4.75 -5.30
CA GLU C 211 19.90 -5.60 -5.58
C GLU C 211 20.88 -5.04 -6.61
N LEU C 212 20.36 -4.31 -7.61
CA LEU C 212 21.20 -3.77 -8.68
C LEU C 212 21.64 -2.33 -8.42
N ALA C 213 21.25 -1.79 -7.27
CA ALA C 213 21.64 -0.44 -6.86
C ALA C 213 23.17 -0.25 -6.81
N PRO C 214 23.92 -1.20 -6.17
CA PRO C 214 25.37 -1.09 -6.09
C PRO C 214 26.06 -1.09 -7.45
N TYR C 215 25.32 -1.45 -8.50
CA TYR C 215 25.87 -1.49 -9.85
C TYR C 215 25.54 -0.22 -10.65
N GLY C 216 24.70 0.64 -10.07
CA GLY C 216 24.27 1.88 -10.74
C GLY C 216 23.06 1.70 -11.63
N ILE C 217 22.45 0.52 -11.55
CA ILE C 217 21.28 0.21 -12.35
C ILE C 217 20.04 0.59 -11.55
N ARG C 218 19.25 1.51 -12.11
CA ARG C 218 17.97 1.89 -11.50
C ARG C 218 16.85 1.04 -12.10
N VAL C 219 15.91 0.65 -11.26
CA VAL C 219 14.79 -0.18 -11.71
C VAL C 219 13.45 0.44 -11.31
N ASN C 220 12.64 0.81 -12.30
CA ASN C 220 11.41 1.55 -12.05
C ASN C 220 10.22 1.01 -12.85
N GLY C 221 9.04 1.53 -12.55
CA GLY C 221 7.83 1.08 -13.21
C GLY C 221 6.92 2.20 -13.66
N VAL C 222 6.19 1.95 -14.74
CA VAL C 222 5.14 2.83 -15.21
C VAL C 222 3.85 2.01 -15.22
N ALA C 223 2.82 2.51 -14.54
CA ALA C 223 1.56 1.78 -14.39
C ALA C 223 0.38 2.50 -15.04
N PRO C 224 0.02 2.09 -16.27
CA PRO C 224 -1.13 2.66 -16.94
C PRO C 224 -2.43 2.19 -16.30
N GLY C 225 -3.44 3.05 -16.33
CA GLY C 225 -4.80 2.67 -15.97
C GLY C 225 -5.50 2.18 -17.22
N VAL C 226 -6.26 3.07 -17.85
CA VAL C 226 -6.84 2.79 -19.15
C VAL C 226 -6.02 3.53 -20.20
N SER C 227 -5.32 2.78 -21.03
CA SER C 227 -4.63 3.34 -22.19
C SER C 227 -5.28 2.77 -23.45
N LEU C 228 -4.48 2.53 -24.49
CA LEU C 228 -4.97 2.04 -25.78
C LEU C 228 -5.81 0.76 -25.66
N GLY C 234 -16.10 -3.32 -29.01
CA GLY C 234 -16.52 -2.25 -29.90
C GLY C 234 -16.53 -0.88 -29.22
N GLU C 235 -17.19 0.08 -29.85
CA GLU C 235 -17.21 1.47 -29.36
C GLU C 235 -17.90 1.61 -27.99
N GLU C 236 -18.95 0.83 -27.76
CA GLU C 236 -19.72 0.93 -26.52
C GLU C 236 -18.91 0.52 -25.28
N GLU C 237 -18.14 -0.56 -25.40
CA GLU C 237 -17.29 -0.99 -24.30
C GLU C 237 -16.09 -0.05 -24.10
N LYS C 238 -15.54 0.47 -25.19
CA LYS C 238 -14.53 1.52 -25.15
C LYS C 238 -15.04 2.72 -24.35
N ASP C 239 -16.21 3.23 -24.76
CA ASP C 239 -16.89 4.32 -24.06
C ASP C 239 -17.04 4.07 -22.55
N LYS C 240 -17.41 2.84 -22.18
CA LYS C 240 -17.64 2.47 -20.78
C LYS C 240 -16.41 2.67 -19.87
N TRP C 241 -15.25 2.25 -20.35
CA TRP C 241 -14.00 2.39 -19.58
C TRP C 241 -13.51 3.84 -19.55
N ARG C 242 -13.66 4.53 -20.67
CA ARG C 242 -13.27 5.93 -20.80
C ARG C 242 -14.04 6.82 -19.82
N ARG C 243 -15.34 6.55 -19.66
CA ARG C 243 -16.21 7.31 -18.76
C ARG C 243 -15.80 7.23 -17.29
N LYS C 244 -15.02 6.20 -16.95
CA LYS C 244 -14.60 5.93 -15.58
C LYS C 244 -13.41 6.81 -15.13
N VAL C 245 -12.69 7.36 -16.10
CA VAL C 245 -11.47 8.13 -15.83
C VAL C 245 -11.81 9.57 -15.42
N PRO C 246 -11.47 9.96 -14.19
CA PRO C 246 -11.80 11.29 -13.67
C PRO C 246 -11.19 12.43 -14.48
N LEU C 247 -9.99 12.24 -15.01
CA LEU C 247 -9.28 13.29 -15.74
C LEU C 247 -9.54 13.21 -17.24
N GLY C 248 -10.50 14.00 -17.71
CA GLY C 248 -10.82 14.13 -19.12
C GLY C 248 -11.72 13.04 -19.69
N ARG C 249 -12.13 12.11 -18.83
CA ARG C 249 -12.92 10.93 -19.21
C ARG C 249 -12.45 10.30 -20.54
N ARG C 250 -11.15 10.09 -20.64
CA ARG C 250 -10.52 9.52 -21.83
C ARG C 250 -9.40 8.59 -21.41
N GLU C 251 -8.99 7.71 -22.32
CA GLU C 251 -7.85 6.83 -22.08
C GLU C 251 -6.54 7.58 -22.33
N ALA C 252 -5.45 7.08 -21.76
CA ALA C 252 -4.12 7.60 -22.03
C ALA C 252 -3.72 7.24 -23.44
N SER C 253 -3.21 8.22 -24.17
CA SER C 253 -2.53 7.98 -25.43
C SER C 253 -1.24 7.23 -25.15
N ALA C 254 -0.82 6.39 -26.10
CA ALA C 254 0.43 5.65 -25.98
C ALA C 254 1.63 6.55 -25.68
N GLU C 255 1.57 7.80 -26.16
CA GLU C 255 2.66 8.78 -26.00
C GLU C 255 2.76 9.30 -24.57
N GLN C 256 1.61 9.44 -23.90
CA GLN C 256 1.55 9.87 -22.51
C GLN C 256 2.20 8.85 -21.57
N ILE C 257 1.96 7.56 -21.85
CA ILE C 257 2.67 6.48 -21.15
C ILE C 257 4.17 6.55 -21.43
N ALA C 258 4.53 6.69 -22.71
CA ALA C 258 5.92 6.80 -23.12
C ALA C 258 6.65 7.95 -22.42
N ASP C 259 5.95 9.07 -22.23
CA ASP C 259 6.49 10.22 -21.51
C ASP C 259 6.99 9.85 -20.11
N ALA C 260 6.21 9.01 -19.41
CA ALA C 260 6.61 8.52 -18.09
C ALA C 260 7.83 7.61 -18.15
N VAL C 261 7.90 6.76 -19.17
CA VAL C 261 9.10 5.94 -19.40
C VAL C 261 10.32 6.84 -19.64
N ILE C 262 10.16 7.86 -20.47
CA ILE C 262 11.23 8.79 -20.83
C ILE C 262 11.80 9.54 -19.61
N PHE C 263 10.93 10.00 -18.71
CA PHE C 263 11.39 10.65 -17.47
C PHE C 263 12.28 9.71 -16.66
N LEU C 264 11.83 8.47 -16.44
CA LEU C 264 12.54 7.52 -15.57
C LEU C 264 13.93 7.11 -16.06
N VAL C 265 14.14 7.10 -17.37
CA VAL C 265 15.47 6.78 -17.93
C VAL C 265 16.38 8.02 -18.02
N SER C 266 15.82 9.21 -17.83
CA SER C 266 16.55 10.46 -18.00
C SER C 266 17.43 10.82 -16.80
N GLY C 267 18.32 11.78 -17.00
CA GLY C 267 19.16 12.32 -15.94
C GLY C 267 18.37 13.03 -14.85
N SER C 268 17.12 13.37 -15.16
CA SER C 268 16.21 14.02 -14.22
C SER C 268 15.59 13.04 -13.21
N ALA C 269 16.01 11.77 -13.29
CA ALA C 269 15.50 10.73 -12.41
C ALA C 269 16.61 9.88 -11.80
N GLN C 270 17.82 10.42 -11.75
CA GLN C 270 19.00 9.64 -11.36
C GLN C 270 19.04 9.17 -9.89
N TYR C 271 18.19 9.75 -9.05
CA TYR C 271 18.03 9.29 -7.67
C TYR C 271 16.78 8.43 -7.51
N ILE C 272 16.03 8.25 -8.60
CA ILE C 272 14.79 7.48 -8.55
C ILE C 272 15.00 6.02 -8.90
N THR C 273 14.83 5.16 -7.91
CA THR C 273 14.80 3.71 -8.12
C THR C 273 13.85 2.99 -7.16
N GLY C 274 13.19 1.95 -7.68
CA GLY C 274 12.18 1.22 -6.93
C GLY C 274 10.83 1.90 -6.92
N SER C 275 10.69 2.96 -7.71
CA SER C 275 9.42 3.68 -7.80
C SER C 275 8.58 3.21 -8.97
N ILE C 276 7.28 3.14 -8.76
CA ILE C 276 6.32 2.86 -9.81
C ILE C 276 5.42 4.09 -9.97
N ILE C 277 5.57 4.76 -11.11
CA ILE C 277 4.78 5.95 -11.43
C ILE C 277 3.48 5.56 -12.14
N LYS C 278 2.37 5.91 -11.49
CA LYS C 278 1.03 5.67 -12.03
CA LYS C 278 1.03 5.68 -12.00
C LYS C 278 0.66 6.73 -13.05
N VAL C 279 0.21 6.28 -14.22
CA VAL C 279 -0.26 7.17 -15.30
C VAL C 279 -1.70 6.75 -15.66
N ASP C 280 -2.64 7.09 -14.78
CA ASP C 280 -4.00 6.55 -14.87
C ASP C 280 -5.15 7.57 -14.85
N GLY C 281 -4.82 8.85 -14.74
CA GLY C 281 -5.84 9.91 -14.74
C GLY C 281 -6.79 9.85 -13.56
N GLY C 282 -6.38 9.20 -12.48
CA GLY C 282 -7.17 9.11 -11.26
C GLY C 282 -8.08 7.89 -11.16
N LEU C 283 -7.96 6.99 -12.14
CA LEU C 283 -8.81 5.80 -12.20
C LEU C 283 -8.75 4.92 -10.95
N SER C 284 -7.53 4.63 -10.47
CA SER C 284 -7.33 3.78 -9.30
C SER C 284 -7.96 4.36 -8.02
N LEU C 285 -8.27 5.67 -8.05
CA LEU C 285 -8.84 6.36 -6.89
C LEU C 285 -10.37 6.37 -6.88
N VAL C 286 -10.98 5.74 -7.86
CA VAL C 286 -12.44 5.72 -7.97
C VAL C 286 -13.02 4.48 -7.29
N HIS C 287 -13.89 4.70 -6.30
CA HIS C 287 -14.55 3.57 -5.62
C HIS C 287 -15.63 2.92 -6.46
N ALA C 288 -16.06 1.73 -6.04
CA ALA C 288 -17.05 0.92 -6.75
C ALA C 288 -18.40 1.61 -6.87
N GLU D 22 -21.84 -33.11 11.38
CA GLU D 22 -20.56 -33.76 10.95
C GLU D 22 -19.46 -32.73 10.70
N ALA D 23 -18.21 -33.17 10.88
CA ALA D 23 -17.03 -32.29 10.88
C ALA D 23 -16.67 -31.71 9.52
N PRO D 24 -16.23 -30.43 9.49
CA PRO D 24 -15.72 -29.85 8.25
C PRO D 24 -14.34 -30.42 7.91
N ALA D 25 -13.87 -30.18 6.68
CA ALA D 25 -12.58 -30.71 6.23
C ALA D 25 -11.66 -29.65 5.62
N ALA D 26 -10.37 -29.73 5.94
CA ALA D 26 -9.38 -28.75 5.47
C ALA D 26 -8.16 -29.38 4.79
N VAL D 27 -7.64 -28.70 3.78
CA VAL D 27 -6.38 -29.06 3.13
C VAL D 27 -5.32 -28.05 3.55
N VAL D 28 -4.24 -28.54 4.15
CA VAL D 28 -3.05 -27.71 4.41
C VAL D 28 -1.86 -28.25 3.63
N THR D 29 -1.28 -27.40 2.77
CA THR D 29 -0.06 -27.75 2.02
C THR D 29 1.17 -27.47 2.87
N GLY D 30 2.15 -28.37 2.80
CA GLY D 30 3.38 -28.27 3.61
C GLY D 30 3.11 -28.36 5.10
N ALA D 31 2.29 -29.33 5.48
CA ALA D 31 1.77 -29.42 6.85
C ALA D 31 2.54 -30.36 7.78
N ALA D 32 3.61 -30.96 7.28
CA ALA D 32 4.40 -31.92 8.06
C ALA D 32 5.24 -31.28 9.16
N LYS D 33 5.65 -30.03 8.95
CA LYS D 33 6.59 -29.35 9.84
C LYS D 33 6.26 -27.88 10.07
N ARG D 34 6.72 -27.38 11.22
CA ARG D 34 6.71 -25.94 11.54
CA ARG D 34 6.71 -25.95 11.55
C ARG D 34 5.32 -25.30 11.47
N ILE D 35 5.20 -24.17 10.78
CA ILE D 35 3.94 -23.42 10.70
C ILE D 35 2.78 -24.25 10.12
N GLY D 36 3.04 -24.99 9.04
CA GLY D 36 2.04 -25.86 8.44
C GLY D 36 1.41 -26.85 9.42
N ARG D 37 2.28 -27.51 10.19
CA ARG D 37 1.87 -28.46 11.21
C ARG D 37 1.01 -27.82 12.31
N ALA D 38 1.43 -26.63 12.75
CA ALA D 38 0.72 -25.87 13.77
C ALA D 38 -0.68 -25.51 13.32
N ILE D 39 -0.81 -25.14 12.04
CA ILE D 39 -2.11 -24.84 11.43
C ILE D 39 -2.98 -26.10 11.37
N ALA D 40 -2.41 -27.20 10.88
CA ALA D 40 -3.14 -28.48 10.78
C ALA D 40 -3.60 -28.97 12.15
N VAL D 41 -2.74 -28.84 13.16
CA VAL D 41 -3.07 -29.24 14.52
C VAL D 41 -4.18 -28.36 15.11
N LYS D 42 -4.11 -27.06 14.87
CA LYS D 42 -5.14 -26.13 15.41
C LYS D 42 -6.48 -26.28 14.71
N LEU D 43 -6.46 -26.54 13.41
CA LEU D 43 -7.69 -26.86 12.68
C LEU D 43 -8.31 -28.14 13.23
N HIS D 44 -7.49 -29.18 13.36
CA HIS D 44 -7.93 -30.46 13.91
C HIS D 44 -8.45 -30.33 15.33
N GLN D 45 -7.76 -29.54 16.15
CA GLN D 45 -8.18 -29.27 17.52
C GLN D 45 -9.51 -28.50 17.60
N THR D 46 -9.81 -27.74 16.55
CA THR D 46 -11.08 -27.00 16.43
C THR D 46 -12.21 -27.92 15.98
N GLY D 47 -11.85 -29.09 15.45
CA GLY D 47 -12.83 -30.09 15.02
C GLY D 47 -12.76 -30.44 13.55
N TYR D 48 -11.79 -29.86 12.85
CA TYR D 48 -11.61 -30.14 11.44
C TYR D 48 -11.00 -31.50 11.21
N ARG D 49 -11.38 -32.11 10.11
CA ARG D 49 -10.66 -33.23 9.57
C ARG D 49 -9.66 -32.64 8.58
N VAL D 50 -8.46 -33.21 8.52
CA VAL D 50 -7.37 -32.57 7.77
C VAL D 50 -6.68 -33.45 6.72
N VAL D 51 -6.31 -32.82 5.61
CA VAL D 51 -5.38 -33.43 4.68
C VAL D 51 -4.02 -32.82 4.92
N ILE D 52 -3.08 -33.69 5.31
CA ILE D 52 -1.71 -33.25 5.51
CA ILE D 52 -1.69 -33.29 5.51
C ILE D 52 -0.94 -33.45 4.20
N HIS D 53 -0.79 -32.37 3.45
CA HIS D 53 0.05 -32.42 2.25
C HIS D 53 1.51 -32.31 2.67
N TYR D 54 2.40 -32.91 1.88
CA TYR D 54 3.83 -32.87 2.15
C TYR D 54 4.65 -33.17 0.89
N HIS D 55 5.91 -32.75 0.87
CA HIS D 55 6.78 -33.05 -0.26
C HIS D 55 7.83 -34.10 0.11
N ASN D 56 8.88 -33.67 0.81
CA ASN D 56 9.95 -34.57 1.25
C ASN D 56 9.71 -35.18 2.63
N SER D 57 9.05 -34.44 3.50
CA SER D 57 8.89 -34.84 4.91
C SER D 57 7.84 -35.94 5.12
N ALA D 58 8.13 -37.14 4.61
CA ALA D 58 7.20 -38.26 4.68
C ALA D 58 7.01 -38.78 6.10
N GLU D 59 8.11 -38.89 6.83
CA GLU D 59 8.08 -39.37 8.22
C GLU D 59 7.29 -38.45 9.14
N ALA D 60 7.54 -37.15 9.02
CA ALA D 60 6.89 -36.15 9.86
C ALA D 60 5.40 -36.04 9.56
N ALA D 61 5.04 -36.21 8.29
CA ALA D 61 3.65 -36.14 7.85
C ALA D 61 2.85 -37.38 8.27
N VAL D 62 3.44 -38.54 8.07
CA VAL D 62 2.82 -39.80 8.50
C VAL D 62 2.66 -39.81 10.03
N SER D 63 3.69 -39.35 10.75
CA SER D 63 3.66 -39.22 12.21
C SER D 63 2.56 -38.30 12.70
N LEU D 64 2.39 -37.16 12.03
CA LEU D 64 1.36 -36.19 12.38
C LEU D 64 -0.04 -36.75 12.19
N ALA D 65 -0.29 -37.33 11.02
CA ALA D 65 -1.56 -37.98 10.72
C ALA D 65 -1.88 -39.02 11.80
N ASP D 66 -0.88 -39.85 12.13
CA ASP D 66 -1.01 -40.87 13.16
C ASP D 66 -1.40 -40.26 14.52
N GLU D 67 -0.72 -39.18 14.89
CA GLU D 67 -1.00 -38.45 16.13
C GLU D 67 -2.46 -37.95 16.16
N LEU D 68 -2.89 -37.33 15.07
CA LEU D 68 -4.24 -36.77 14.99
C LEU D 68 -5.33 -37.84 14.94
N ASN D 69 -5.07 -38.94 14.23
CA ASN D 69 -6.02 -40.06 14.13
C ASN D 69 -6.24 -40.80 15.45
N LYS D 70 -5.21 -40.81 16.30
CA LYS D 70 -5.32 -41.37 17.66
C LYS D 70 -6.29 -40.54 18.50
N GLU D 71 -6.21 -39.22 18.34
CA GLU D 71 -7.08 -38.29 19.06
C GLU D 71 -8.54 -38.46 18.66
N ARG D 72 -8.79 -38.55 17.35
CA ARG D 72 -10.12 -38.79 16.78
C ARG D 72 -9.96 -39.69 15.54
N SER D 73 -10.64 -40.83 15.55
CA SER D 73 -10.51 -41.84 14.49
C SER D 73 -10.76 -41.29 13.07
N ASN D 74 -9.84 -41.59 12.16
CA ASN D 74 -9.94 -41.27 10.73
C ASN D 74 -10.34 -39.82 10.40
N THR D 75 -9.59 -38.88 10.98
CA THR D 75 -9.81 -37.45 10.78
C THR D 75 -8.60 -36.80 10.12
N ALA D 76 -7.63 -37.62 9.72
CA ALA D 76 -6.43 -37.13 9.05
C ALA D 76 -5.93 -38.09 7.99
N VAL D 77 -5.51 -37.52 6.86
CA VAL D 77 -4.83 -38.28 5.81
C VAL D 77 -3.61 -37.53 5.30
N VAL D 78 -2.64 -38.26 4.75
CA VAL D 78 -1.49 -37.66 4.08
C VAL D 78 -1.70 -37.63 2.57
N CYS D 79 -1.03 -36.68 1.91
CA CYS D 79 -1.05 -36.58 0.46
C CYS D 79 0.25 -35.94 -0.01
N GLN D 80 1.02 -36.70 -0.79
CA GLN D 80 2.31 -36.23 -1.27
C GLN D 80 2.17 -35.60 -2.66
N ALA D 81 2.84 -34.47 -2.86
CA ALA D 81 2.92 -33.82 -4.17
C ALA D 81 4.02 -32.78 -4.22
N ASP D 82 4.86 -32.87 -5.25
CA ASP D 82 5.75 -31.79 -5.63
C ASP D 82 4.88 -30.67 -6.21
N LEU D 83 5.01 -29.46 -5.66
CA LEU D 83 4.23 -28.32 -6.11
C LEU D 83 5.04 -27.35 -6.98
N THR D 84 6.22 -27.80 -7.37
CA THR D 84 7.05 -27.14 -8.38
C THR D 84 6.25 -26.99 -9.67
N ASN D 85 6.31 -25.80 -10.28
CA ASN D 85 5.63 -25.57 -11.55
C ASN D 85 6.09 -26.51 -12.65
N SER D 86 5.12 -27.12 -13.33
CA SER D 86 5.40 -28.03 -14.45
C SER D 86 4.11 -28.42 -15.18
N ASN D 87 4.26 -29.19 -16.25
CA ASN D 87 3.13 -29.68 -17.05
C ASN D 87 2.12 -30.54 -16.28
N VAL D 88 2.58 -31.18 -15.21
CA VAL D 88 1.74 -32.07 -14.41
C VAL D 88 1.15 -31.42 -13.14
N LEU D 89 1.56 -30.18 -12.87
CA LEU D 89 1.12 -29.47 -11.67
C LEU D 89 -0.42 -29.31 -11.54
N PRO D 90 -1.11 -28.89 -12.64
CA PRO D 90 -2.58 -28.79 -12.56
C PRO D 90 -3.29 -30.08 -12.15
N ALA D 91 -2.83 -31.23 -12.64
CA ALA D 91 -3.40 -32.52 -12.25
C ALA D 91 -3.01 -32.90 -10.82
N SER D 92 -1.80 -32.55 -10.40
CA SER D 92 -1.32 -32.80 -9.04
C SER D 92 -2.12 -32.03 -8.00
N CYS D 93 -2.48 -30.79 -8.32
CA CYS D 93 -3.29 -29.94 -7.46
C CYS D 93 -4.73 -30.46 -7.39
N GLU D 94 -5.25 -30.85 -8.55
CA GLU D 94 -6.56 -31.49 -8.65
CA GLU D 94 -6.57 -31.49 -8.63
C GLU D 94 -6.62 -32.71 -7.72
N GLU D 95 -5.55 -33.51 -7.73
CA GLU D 95 -5.47 -34.71 -6.90
C GLU D 95 -5.37 -34.42 -5.40
N ILE D 96 -4.70 -33.34 -5.01
CA ILE D 96 -4.67 -32.91 -3.61
C ILE D 96 -6.09 -32.60 -3.10
N ILE D 97 -6.82 -31.80 -3.87
CA ILE D 97 -8.22 -31.49 -3.55
C ILE D 97 -9.10 -32.75 -3.63
N ASN D 98 -8.86 -33.60 -4.63
CA ASN D 98 -9.60 -34.88 -4.76
C ASN D 98 -9.43 -35.78 -3.54
N SER D 99 -8.24 -35.78 -2.96
CA SER D 99 -7.94 -36.62 -1.81
C SER D 99 -8.72 -36.22 -0.56
N CYS D 100 -9.09 -34.94 -0.47
CA CYS D 100 -9.92 -34.44 0.63
C CYS D 100 -11.35 -34.95 0.50
N PHE D 101 -11.84 -35.03 -0.74
CA PHE D 101 -13.17 -35.54 -1.02
C PHE D 101 -13.24 -37.05 -0.86
N ARG D 102 -12.20 -37.75 -1.32
CA ARG D 102 -12.06 -39.19 -1.10
C ARG D 102 -12.13 -39.53 0.39
N ALA D 103 -11.35 -38.82 1.20
CA ALA D 103 -11.27 -39.09 2.65
C ALA D 103 -12.50 -38.64 3.42
N PHE D 104 -12.89 -37.38 3.24
CA PHE D 104 -13.89 -36.76 4.12
C PHE D 104 -15.20 -36.36 3.43
N GLY D 105 -15.25 -36.51 2.11
CA GLY D 105 -16.48 -36.25 1.35
C GLY D 105 -16.80 -34.78 1.12
N ARG D 106 -15.92 -33.91 1.62
CA ARG D 106 -16.11 -32.46 1.51
C ARG D 106 -14.76 -31.74 1.60
N CYS D 107 -14.71 -30.50 1.09
CA CYS D 107 -13.54 -29.66 1.28
C CYS D 107 -13.93 -28.21 1.57
N ASP D 108 -13.86 -27.84 2.85
CA ASP D 108 -14.31 -26.54 3.34
C ASP D 108 -13.22 -25.48 3.42
N VAL D 109 -11.99 -25.91 3.67
CA VAL D 109 -10.86 -24.99 3.88
C VAL D 109 -9.61 -25.41 3.10
N LEU D 110 -8.91 -24.41 2.56
CA LEU D 110 -7.63 -24.60 1.88
C LEU D 110 -6.61 -23.60 2.45
N VAL D 111 -5.53 -24.11 3.00
CA VAL D 111 -4.43 -23.28 3.50
C VAL D 111 -3.23 -23.48 2.60
N ASN D 112 -2.90 -22.46 1.81
CA ASN D 112 -1.70 -22.50 0.97
C ASN D 112 -0.49 -22.08 1.79
N ASN D 113 0.21 -23.09 2.33
CA ASN D 113 1.32 -22.87 3.25
C ASN D 113 2.69 -23.24 2.66
N ALA D 114 2.72 -24.35 1.91
CA ALA D 114 3.95 -24.84 1.29
C ALA D 114 4.64 -23.76 0.48
N SER D 115 5.95 -23.64 0.67
CA SER D 115 6.72 -22.58 0.06
C SER D 115 8.18 -22.97 -0.06
N ALA D 116 8.77 -22.67 -1.23
CA ALA D 116 10.21 -22.79 -1.43
C ALA D 116 10.84 -21.43 -1.14
N PHE D 117 11.96 -21.46 -0.43
CA PHE D 117 12.63 -20.25 0.03
C PHE D 117 14.14 -20.42 -0.05
N TYR D 118 14.75 -19.73 -1.01
CA TYR D 118 16.21 -19.67 -1.16
C TYR D 118 16.61 -18.50 -2.07
N PRO D 119 17.87 -18.02 -1.95
CA PRO D 119 18.27 -16.87 -2.77
C PRO D 119 18.47 -17.20 -4.26
N THR D 120 18.12 -16.24 -5.12
CA THR D 120 18.35 -16.35 -6.57
C THR D 120 18.96 -15.03 -7.05
N PRO D 121 20.28 -14.87 -6.86
CA PRO D 121 20.97 -13.62 -7.20
C PRO D 121 20.83 -13.27 -8.67
N LEU D 122 20.60 -11.99 -8.96
CA LEU D 122 20.48 -11.50 -10.33
C LEU D 122 21.82 -11.54 -11.10
N VAL D 123 22.92 -11.39 -10.36
CA VAL D 123 24.25 -11.31 -10.96
C VAL D 123 25.10 -12.54 -10.58
N GLY D 133 23.50 -25.36 -7.54
CA GLY D 133 23.31 -26.49 -8.44
C GLY D 133 22.25 -26.27 -9.49
N LYS D 134 21.12 -25.71 -9.07
CA LYS D 134 19.94 -25.57 -9.92
C LYS D 134 20.08 -24.54 -11.03
N THR D 135 19.55 -24.90 -12.21
CA THR D 135 19.42 -23.97 -13.32
C THR D 135 18.30 -22.98 -13.00
N VAL D 136 18.35 -21.80 -13.60
CA VAL D 136 17.40 -20.73 -13.29
C VAL D 136 15.94 -21.08 -13.64
N GLU D 137 15.75 -21.90 -14.69
CA GLU D 137 14.40 -22.34 -15.07
C GLU D 137 13.79 -23.25 -13.98
N THR D 138 14.65 -24.02 -13.31
CA THR D 138 14.27 -24.87 -12.19
C THR D 138 13.90 -24.01 -10.97
N GLN D 139 14.69 -22.98 -10.69
CA GLN D 139 14.43 -22.06 -9.60
C GLN D 139 13.11 -21.32 -9.79
N VAL D 140 12.88 -20.85 -11.02
CA VAL D 140 11.60 -20.24 -11.41
C VAL D 140 10.44 -21.19 -11.08
N ALA D 141 10.54 -22.43 -11.58
CA ALA D 141 9.50 -23.44 -11.40
C ALA D 141 9.20 -23.69 -9.92
N GLU D 142 10.26 -23.85 -9.12
CA GLU D 142 10.12 -24.11 -7.70
C GLU D 142 9.57 -22.90 -6.94
N LEU D 143 10.22 -21.76 -7.09
CA LEU D 143 9.87 -20.58 -6.30
C LEU D 143 8.54 -19.97 -6.72
N ILE D 144 8.24 -19.97 -8.02
CA ILE D 144 6.97 -19.42 -8.52
C ILE D 144 5.86 -20.48 -8.45
N GLY D 145 6.21 -21.74 -8.66
CA GLY D 145 5.25 -22.85 -8.56
C GLY D 145 4.64 -22.96 -7.17
N THR D 146 5.51 -23.18 -6.18
CA THR D 146 5.09 -23.37 -4.79
C THR D 146 4.36 -22.17 -4.21
N ASN D 147 4.90 -20.98 -4.44
CA ASN D 147 4.40 -19.76 -3.81
C ASN D 147 3.20 -19.12 -4.51
N ALA D 148 2.99 -19.41 -5.79
CA ALA D 148 1.98 -18.70 -6.57
C ALA D 148 1.10 -19.57 -7.49
N ILE D 149 1.74 -20.36 -8.34
CA ILE D 149 1.02 -21.15 -9.35
CA ILE D 149 1.04 -21.17 -9.35
C ILE D 149 0.19 -22.27 -8.70
N ALA D 150 0.82 -23.08 -7.85
CA ALA D 150 0.11 -24.11 -7.12
C ALA D 150 -1.06 -23.55 -6.29
N PRO D 151 -0.80 -22.51 -5.46
CA PRO D 151 -1.94 -21.85 -4.80
C PRO D 151 -3.09 -21.50 -5.74
N PHE D 152 -2.78 -21.02 -6.94
CA PHE D 152 -3.79 -20.71 -7.96
C PHE D 152 -4.52 -21.97 -8.46
N LEU D 153 -3.74 -23.00 -8.79
CA LEU D 153 -4.30 -24.25 -9.31
C LEU D 153 -5.13 -24.99 -8.26
N LEU D 154 -4.70 -24.92 -6.99
CA LEU D 154 -5.44 -25.50 -5.87
C LEU D 154 -6.74 -24.72 -5.59
N THR D 155 -6.67 -23.40 -5.70
CA THR D 155 -7.85 -22.52 -5.64
C THR D 155 -8.86 -22.87 -6.73
N MET D 156 -8.37 -23.14 -7.94
CA MET D 156 -9.21 -23.53 -9.06
CA MET D 156 -9.23 -23.53 -9.06
C MET D 156 -9.99 -24.82 -8.76
N SER D 157 -9.27 -25.83 -8.28
CA SER D 157 -9.87 -27.13 -7.96
C SER D 157 -10.83 -27.06 -6.77
N PHE D 158 -10.47 -26.26 -5.76
CA PHE D 158 -11.32 -26.01 -4.59
C PHE D 158 -12.65 -25.41 -5.04
N ALA D 159 -12.57 -24.36 -5.84
CA ALA D 159 -13.73 -23.67 -6.39
C ALA D 159 -14.59 -24.58 -7.27
N GLN D 160 -13.93 -25.33 -8.16
CA GLN D 160 -14.63 -26.20 -9.11
CA GLN D 160 -14.61 -26.22 -9.11
C GLN D 160 -15.28 -27.42 -8.44
N ARG D 161 -14.71 -27.86 -7.32
CA ARG D 161 -15.23 -29.05 -6.61
C ARG D 161 -16.39 -28.81 -5.65
N GLN D 162 -16.74 -27.56 -5.39
CA GLN D 162 -17.91 -27.25 -4.56
C GLN D 162 -19.19 -27.51 -5.32
N SER D 172 -22.84 -22.96 5.78
CA SER D 172 -21.52 -23.33 5.27
C SER D 172 -20.54 -22.19 5.45
N ASN D 173 -19.25 -22.55 5.50
CA ASN D 173 -18.19 -21.61 5.82
C ASN D 173 -16.90 -21.97 5.06
N LEU D 174 -16.89 -21.63 3.78
CA LEU D 174 -15.78 -21.96 2.89
C LEU D 174 -14.79 -20.81 2.81
N SER D 175 -13.51 -21.13 2.94
CA SER D 175 -12.46 -20.11 2.84
C SER D 175 -11.09 -20.66 2.48
N ILE D 176 -10.30 -19.82 1.82
CA ILE D 176 -8.92 -20.11 1.52
C ILE D 176 -8.04 -19.10 2.28
N VAL D 177 -7.02 -19.61 2.98
CA VAL D 177 -6.02 -18.75 3.61
C VAL D 177 -4.65 -18.96 2.97
N ASN D 178 -4.07 -17.89 2.45
CA ASN D 178 -2.76 -17.94 1.81
C ASN D 178 -1.67 -17.39 2.71
N LEU D 179 -0.65 -18.19 2.97
CA LEU D 179 0.48 -17.73 3.78
C LEU D 179 1.39 -16.83 2.96
N CYS D 180 1.36 -15.54 3.29
CA CYS D 180 2.06 -14.53 2.51
C CYS D 180 3.39 -14.15 3.20
N ASP D 181 3.81 -12.90 3.03
CA ASP D 181 5.03 -12.42 3.67
C ASP D 181 4.90 -10.95 4.03
N ALA D 182 5.05 -10.64 5.33
CA ALA D 182 4.96 -9.27 5.82
C ALA D 182 6.06 -8.35 5.24
N MET D 183 7.12 -8.95 4.73
CA MET D 183 8.26 -8.19 4.24
C MET D 183 8.31 -8.06 2.72
N VAL D 184 7.18 -8.31 2.06
CA VAL D 184 7.11 -8.29 0.58
C VAL D 184 7.58 -6.98 -0.05
N ASP D 185 7.31 -5.86 0.61
CA ASP D 185 7.71 -4.55 0.10
C ASP D 185 9.06 -4.07 0.67
N GLN D 186 9.69 -4.90 1.51
CA GLN D 186 11.07 -4.71 1.97
C GLN D 186 11.80 -6.06 1.89
N PRO D 187 12.07 -6.55 0.67
CA PRO D 187 12.52 -7.93 0.45
C PRO D 187 13.96 -8.22 0.89
N CSX D 188 14.21 -9.48 1.24
CA CSX D 188 15.56 -9.98 1.47
CB CSX D 188 15.49 -11.46 1.78
SG CSX D 188 14.55 -11.79 3.37
C CSX D 188 16.37 -9.79 0.22
O CSX D 188 15.89 -10.08 -0.88
OD CSX D 188 16.04 -11.45 4.30
N MET D 189 17.58 -9.28 0.38
CA MET D 189 18.50 -9.09 -0.74
C MET D 189 18.73 -10.41 -1.49
N ALA D 190 18.68 -10.34 -2.83
CA ALA D 190 18.90 -11.48 -3.72
C ALA D 190 17.80 -12.56 -3.69
N PHE D 191 16.62 -12.19 -3.20
CA PHE D 191 15.48 -13.10 -3.13
C PHE D 191 14.35 -12.70 -4.10
N SER D 192 14.72 -12.25 -5.30
CA SER D 192 13.74 -11.73 -6.27
CA SER D 192 13.76 -11.74 -6.30
C SER D 192 12.64 -12.72 -6.64
N LEU D 193 13.02 -13.94 -7.03
CA LEU D 193 12.03 -14.94 -7.43
C LEU D 193 11.08 -15.31 -6.29
N TYR D 194 11.63 -15.52 -5.09
CA TYR D 194 10.80 -15.73 -3.91
C TYR D 194 9.83 -14.55 -3.71
N ASN D 195 10.38 -13.33 -3.74
CA ASN D 195 9.60 -12.12 -3.55
C ASN D 195 8.53 -11.95 -4.63
N MET D 196 8.88 -12.32 -5.86
CA MET D 196 7.95 -12.33 -6.99
C MET D 196 6.78 -13.29 -6.77
N GLY D 197 7.10 -14.48 -6.26
CA GLY D 197 6.09 -15.49 -5.94
C GLY D 197 5.14 -15.05 -4.85
N LYS D 198 5.70 -14.44 -3.80
CA LYS D 198 4.91 -13.94 -2.68
C LYS D 198 4.05 -12.75 -3.08
N HIS D 199 4.57 -11.91 -3.98
CA HIS D 199 3.81 -10.80 -4.54
C HIS D 199 2.65 -11.29 -5.39
N ALA D 200 2.90 -12.28 -6.24
CA ALA D 200 1.86 -12.88 -7.06
C ALA D 200 0.76 -13.49 -6.18
N LEU D 201 1.17 -14.07 -5.06
CA LEU D 201 0.25 -14.64 -4.07
C LEU D 201 -0.72 -13.62 -3.45
N VAL D 202 -0.22 -12.41 -3.20
CA VAL D 202 -1.08 -11.27 -2.81
C VAL D 202 -2.09 -10.98 -3.91
N GLY D 203 -1.59 -10.92 -5.15
CA GLY D 203 -2.42 -10.75 -6.33
C GLY D 203 -3.53 -11.79 -6.41
N LEU D 204 -3.19 -13.06 -6.24
CA LEU D 204 -4.18 -14.14 -6.26
C LEU D 204 -5.19 -14.05 -5.12
N THR D 205 -4.71 -13.75 -3.91
CA THR D 205 -5.58 -13.56 -2.74
C THR D 205 -6.68 -12.53 -3.06
N GLN D 206 -6.30 -11.44 -3.71
CA GLN D 206 -7.23 -10.37 -4.06
C GLN D 206 -8.16 -10.75 -5.23
N SER D 207 -7.58 -11.23 -6.32
CA SER D 207 -8.34 -11.68 -7.50
C SER D 207 -9.38 -12.74 -7.17
N ALA D 208 -9.00 -13.72 -6.34
CA ALA D 208 -9.88 -14.85 -6.00
C ALA D 208 -10.94 -14.46 -4.98
N ALA D 209 -10.61 -13.55 -4.07
CA ALA D 209 -11.58 -12.99 -3.15
C ALA D 209 -12.75 -12.39 -3.90
N LEU D 210 -12.43 -11.55 -4.89
CA LEU D 210 -13.41 -10.88 -5.75
C LEU D 210 -14.25 -11.91 -6.54
N GLU D 211 -13.58 -12.87 -7.17
CA GLU D 211 -14.22 -13.80 -8.10
C GLU D 211 -15.05 -14.88 -7.41
N LEU D 212 -14.56 -15.36 -6.27
CA LEU D 212 -15.19 -16.43 -5.52
C LEU D 212 -16.16 -15.93 -4.45
N ALA D 213 -16.28 -14.61 -4.31
CA ALA D 213 -17.24 -14.02 -3.38
C ALA D 213 -18.70 -14.40 -3.69
N PRO D 214 -19.12 -14.30 -4.98
CA PRO D 214 -20.49 -14.72 -5.32
C PRO D 214 -20.77 -16.19 -4.99
N TYR D 215 -19.74 -17.03 -5.03
CA TYR D 215 -19.86 -18.43 -4.67
C TYR D 215 -19.79 -18.69 -3.16
N GLY D 216 -19.68 -17.61 -2.38
CA GLY D 216 -19.60 -17.70 -0.92
C GLY D 216 -18.27 -18.16 -0.37
N ILE D 217 -17.22 -18.11 -1.19
CA ILE D 217 -15.87 -18.50 -0.76
C ILE D 217 -15.02 -17.26 -0.43
N ARG D 218 -14.62 -17.17 0.83
CA ARG D 218 -13.76 -16.08 1.29
C ARG D 218 -12.28 -16.42 1.08
N VAL D 219 -11.51 -15.43 0.62
CA VAL D 219 -10.08 -15.66 0.39
C VAL D 219 -9.24 -14.62 1.15
N ASN D 220 -8.32 -15.10 1.97
CA ASN D 220 -7.53 -14.26 2.85
C ASN D 220 -6.07 -14.70 2.93
N GLY D 221 -5.25 -13.87 3.57
CA GLY D 221 -3.86 -14.20 3.82
C GLY D 221 -3.44 -13.93 5.25
N VAL D 222 -2.47 -14.70 5.72
CA VAL D 222 -1.73 -14.40 6.95
C VAL D 222 -0.28 -14.15 6.54
N ALA D 223 0.27 -13.00 6.92
CA ALA D 223 1.62 -12.62 6.54
C ALA D 223 2.59 -12.57 7.73
N PRO D 224 3.37 -13.66 7.92
CA PRO D 224 4.35 -13.64 9.01
C PRO D 224 5.52 -12.74 8.64
N GLY D 225 6.16 -12.14 9.64
CA GLY D 225 7.43 -11.42 9.44
C GLY D 225 8.57 -12.39 9.67
N VAL D 226 9.04 -12.47 10.92
CA VAL D 226 9.94 -13.54 11.32
C VAL D 226 9.23 -14.45 12.33
N SER D 227 9.03 -15.70 11.91
CA SER D 227 8.50 -16.76 12.76
C SER D 227 9.61 -17.78 12.97
N LEU D 228 9.24 -19.04 13.21
CA LEU D 228 10.18 -20.13 13.43
C LEU D 228 11.36 -20.08 12.46
N LEU D 229 12.56 -19.95 13.01
CA LEU D 229 13.79 -19.90 12.22
C LEU D 229 14.41 -21.31 12.16
N PRO D 230 15.24 -21.58 11.12
CA PRO D 230 15.80 -22.92 10.98
C PRO D 230 16.58 -23.37 12.21
N VAL D 231 16.40 -24.63 12.62
CA VAL D 231 17.07 -25.17 13.81
C VAL D 231 18.60 -25.09 13.67
N ALA D 232 19.09 -25.34 12.45
CA ALA D 232 20.54 -25.33 12.16
C ALA D 232 21.15 -23.92 12.14
N MET D 233 20.33 -22.90 11.89
CA MET D 233 20.78 -21.51 11.91
C MET D 233 21.31 -21.16 13.30
N GLY D 234 22.52 -20.61 13.33
CA GLY D 234 23.15 -20.19 14.58
C GLY D 234 22.24 -19.28 15.39
N GLU D 235 22.25 -19.46 16.71
CA GLU D 235 21.44 -18.63 17.62
C GLU D 235 21.85 -17.16 17.54
N GLU D 236 23.12 -16.91 17.22
CA GLU D 236 23.62 -15.54 17.02
C GLU D 236 23.01 -14.90 15.77
N GLU D 237 22.73 -15.73 14.76
CA GLU D 237 22.07 -15.28 13.54
C GLU D 237 20.56 -15.11 13.77
N LYS D 238 19.95 -16.05 14.50
CA LYS D 238 18.55 -15.94 14.91
C LYS D 238 18.31 -14.64 15.68
N ASP D 239 19.24 -14.33 16.58
CA ASP D 239 19.18 -13.12 17.42
C ASP D 239 19.18 -11.83 16.61
N LYS D 240 19.96 -11.80 15.53
CA LYS D 240 20.00 -10.64 14.63
C LYS D 240 18.61 -10.26 14.14
N TRP D 241 17.84 -11.26 13.71
CA TRP D 241 16.46 -11.04 13.26
C TRP D 241 15.50 -10.79 14.42
N ARG D 242 15.76 -11.46 15.55
CA ARG D 242 14.96 -11.27 16.77
C ARG D 242 15.07 -9.85 17.31
N ARG D 243 16.28 -9.30 17.32
CA ARG D 243 16.54 -7.96 17.84
C ARG D 243 15.84 -6.86 17.04
N LYS D 244 15.35 -7.21 15.85
CA LYS D 244 14.71 -6.26 14.94
C LYS D 244 13.20 -6.16 15.17
N VAL D 245 12.63 -7.16 15.84
CA VAL D 245 11.20 -7.18 16.13
C VAL D 245 10.88 -6.27 17.32
N PRO D 246 10.13 -5.17 17.08
CA PRO D 246 9.71 -4.27 18.15
C PRO D 246 8.93 -4.96 19.27
N LEU D 247 7.99 -5.84 18.91
CA LEU D 247 7.15 -6.49 19.92
C LEU D 247 7.76 -7.78 20.47
N GLY D 248 8.52 -7.64 21.56
CA GLY D 248 9.07 -8.78 22.28
C GLY D 248 10.48 -9.18 21.93
N ARG D 249 11.07 -8.54 20.92
CA ARG D 249 12.45 -8.84 20.48
C ARG D 249 12.65 -10.33 20.17
N ARG D 250 11.61 -10.96 19.61
CA ARG D 250 11.60 -12.39 19.34
C ARG D 250 10.71 -12.72 18.15
N GLU D 251 10.93 -13.92 17.60
CA GLU D 251 10.16 -14.40 16.46
C GLU D 251 8.81 -14.95 16.88
N ALA D 252 7.86 -14.98 15.94
CA ALA D 252 6.56 -15.60 16.17
C ALA D 252 6.71 -17.10 16.33
N SER D 253 5.89 -17.70 17.19
CA SER D 253 5.79 -19.16 17.25
C SER D 253 4.94 -19.59 16.06
N ALA D 254 4.96 -20.88 15.75
CA ALA D 254 4.12 -21.44 14.69
C ALA D 254 2.66 -21.34 15.07
N GLU D 255 2.38 -21.50 16.37
CA GLU D 255 1.02 -21.46 16.91
C GLU D 255 0.40 -20.07 16.80
N GLN D 256 1.23 -19.05 17.00
CA GLN D 256 0.82 -17.64 16.88
C GLN D 256 0.41 -17.27 15.45
N ILE D 257 1.07 -17.88 14.46
CA ILE D 257 0.68 -17.76 13.06
C ILE D 257 -0.63 -18.51 12.81
N ALA D 258 -0.72 -19.74 13.32
CA ALA D 258 -1.93 -20.56 13.22
C ALA D 258 -3.16 -19.89 13.83
N ASP D 259 -2.94 -19.12 14.89
CA ASP D 259 -4.01 -18.39 15.59
C ASP D 259 -4.72 -17.42 14.64
N ALA D 260 -3.97 -16.81 13.72
CA ALA D 260 -4.56 -15.89 12.75
C ALA D 260 -5.32 -16.63 11.64
N VAL D 261 -4.78 -17.78 11.24
CA VAL D 261 -5.46 -18.68 10.29
C VAL D 261 -6.80 -19.17 10.84
N ILE D 262 -6.80 -19.63 12.10
CA ILE D 262 -8.03 -20.08 12.77
C ILE D 262 -9.10 -18.97 12.79
N PHE D 263 -8.66 -17.74 13.08
CA PHE D 263 -9.56 -16.58 13.08
C PHE D 263 -10.24 -16.38 11.73
N LEU D 264 -9.44 -16.35 10.66
CA LEU D 264 -9.93 -16.11 9.31
C LEU D 264 -10.86 -17.19 8.78
N VAL D 265 -10.67 -18.43 9.24
CA VAL D 265 -11.57 -19.51 8.82
C VAL D 265 -12.85 -19.58 9.68
N SER D 266 -12.80 -18.94 10.86
CA SER D 266 -13.90 -18.99 11.84
C SER D 266 -15.11 -18.16 11.42
N GLY D 267 -16.17 -18.29 12.22
CA GLY D 267 -17.38 -17.48 12.05
C GLY D 267 -17.21 -16.03 12.44
N SER D 268 -16.14 -15.74 13.18
CA SER D 268 -15.80 -14.36 13.57
C SER D 268 -15.24 -13.54 12.41
N ALA D 269 -15.15 -14.16 11.23
CA ALA D 269 -14.57 -13.52 10.05
C ALA D 269 -15.41 -13.71 8.78
N GLN D 270 -16.71 -13.97 8.96
CA GLN D 270 -17.63 -14.24 7.85
C GLN D 270 -17.80 -13.09 6.85
N TYR D 271 -17.34 -11.89 7.23
CA TYR D 271 -17.40 -10.73 6.35
C TYR D 271 -16.01 -10.32 5.86
N ILE D 272 -14.98 -11.00 6.34
CA ILE D 272 -13.60 -10.73 5.94
C ILE D 272 -13.21 -11.51 4.70
N THR D 273 -12.96 -10.79 3.61
CA THR D 273 -12.38 -11.39 2.39
C THR D 273 -11.46 -10.40 1.66
N GLY D 274 -10.44 -10.94 1.00
CA GLY D 274 -9.43 -10.13 0.33
C GLY D 274 -8.51 -9.39 1.28
N SER D 275 -8.52 -9.78 2.56
CA SER D 275 -7.67 -9.16 3.57
C SER D 275 -6.44 -10.01 3.89
N ILE D 276 -5.32 -9.34 4.10
CA ILE D 276 -4.08 -10.00 4.51
C ILE D 276 -3.66 -9.51 5.90
N ILE D 277 -3.79 -10.39 6.88
CA ILE D 277 -3.44 -10.06 8.26
C ILE D 277 -1.96 -10.29 8.53
N LYS D 278 -1.27 -9.21 8.89
CA LYS D 278 0.14 -9.26 9.26
CA LYS D 278 0.14 -9.23 9.24
C LYS D 278 0.32 -9.79 10.67
N VAL D 279 1.19 -10.78 10.83
CA VAL D 279 1.56 -11.30 12.16
C VAL D 279 3.08 -11.18 12.29
N ASP D 280 3.55 -9.97 12.57
CA ASP D 280 4.99 -9.68 12.48
C ASP D 280 5.61 -8.91 13.67
N GLY D 281 4.78 -8.57 14.66
CA GLY D 281 5.26 -7.88 15.85
C GLY D 281 5.89 -6.52 15.58
N GLY D 282 5.48 -5.90 14.48
CA GLY D 282 5.97 -4.58 14.10
C GLY D 282 7.18 -4.57 13.19
N LEU D 283 7.70 -5.75 12.85
CA LEU D 283 8.90 -5.86 12.01
C LEU D 283 8.86 -5.02 10.74
N SER D 284 7.74 -5.11 10.01
CA SER D 284 7.56 -4.39 8.74
C SER D 284 7.53 -2.87 8.89
N LEU D 285 7.33 -2.39 10.12
CA LEU D 285 7.27 -0.94 10.40
C LEU D 285 8.63 -0.34 10.76
N VAL D 286 9.66 -1.17 10.81
CA VAL D 286 11.00 -0.71 11.21
C VAL D 286 11.80 -0.30 9.95
N HIS D 287 12.34 0.92 9.97
CA HIS D 287 13.11 1.40 8.83
C HIS D 287 14.51 0.81 8.77
N ALA D 288 15.20 1.01 7.65
CA ALA D 288 16.58 0.58 7.47
C ALA D 288 17.47 1.09 8.58
PA NAP E . 12.45 21.83 5.98
O1A NAP E . 13.72 22.54 5.67
O2A NAP E . 12.56 21.09 7.25
O5B NAP E . 11.25 22.89 6.03
C5B NAP E . 10.96 23.68 4.91
C4B NAP E . 10.36 25.00 5.34
O4B NAP E . 9.15 24.83 6.05
C3B NAP E . 11.23 25.80 6.32
O3B NAP E . 12.23 26.53 5.64
C2B NAP E . 10.21 26.70 7.01
O2B NAP E . 10.26 28.04 6.55
C1B NAP E . 8.86 26.07 6.64
N9A NAP E . 8.04 26.00 7.87
C8A NAP E . 8.25 25.25 9.00
N7A NAP E . 7.26 25.51 9.88
C5A NAP E . 6.42 26.42 9.32
C6A NAP E . 5.26 27.03 9.77
N6A NAP E . 4.76 26.76 10.97
N1A NAP E . 4.60 27.92 8.95
C2A NAP E . 5.09 28.21 7.70
N3A NAP E . 6.25 27.61 7.26
C4A NAP E . 6.89 26.73 8.06
O3 NAP E . 12.09 20.86 4.75
PN NAP E . 13.06 20.19 3.67
O1N NAP E . 13.55 21.24 2.76
O2N NAP E . 14.01 19.34 4.42
O5D NAP E . 12.08 19.21 2.83
C5D NAP E . 11.11 19.69 1.93
C4D NAP E . 9.84 18.84 1.97
O4D NAP E . 10.15 17.48 1.72
C3D NAP E . 9.16 18.90 3.33
O3D NAP E . 7.77 18.95 3.16
C2D NAP E . 9.56 17.59 3.97
O2D NAP E . 8.67 17.09 4.92
C1D NAP E . 9.71 16.65 2.78
N1N NAP E . 10.70 15.62 3.12
C2N NAP E . 12.01 15.96 3.27
C3N NAP E . 12.96 15.00 3.58
C7N NAP E . 14.38 15.40 3.75
O7N NAP E . 15.37 14.40 3.90
N7N NAP E . 14.69 16.70 3.76
C4N NAP E . 12.55 13.68 3.74
C5N NAP E . 11.22 13.33 3.59
C6N NAP E . 10.29 14.32 3.27
P2B NAP E . 11.22 29.16 7.21
O1X NAP E . 10.96 30.44 6.46
O2X NAP E . 12.65 28.74 7.05
O3X NAP E . 10.92 29.35 8.68
C4 DX3 F . 13.20 17.27 7.80
C4 DX3 F . 13.38 13.60 7.58
C5 DX3 F . 12.86 15.95 7.50
C5 DX3 F . 14.47 14.45 7.79
C6 DX3 F . 11.57 15.69 7.04
C6 DX3 F . 14.30 15.81 7.56
N1 DX3 F . 10.70 16.71 6.90
N1 DX3 F . 13.11 16.26 7.12
N3 DX3 F . 12.31 18.24 7.65
N3 DX3 F . 12.22 14.10 7.14
NAI DX3 F . 14.49 17.58 8.28
NAI DX3 F . 13.53 12.23 7.81
CAO DX3 F . 15.57 16.57 8.29
CAO DX3 F . 14.88 11.63 7.68
CAB DX3 F . 16.27 16.62 9.66
CAB DX3 F . 15.18 11.36 6.22
CAC DX3 F . 16.53 16.98 7.17
CAC DX3 F . 14.90 10.32 8.48
CAJ DX3 F . 15.03 15.15 8.01
CAJ DX3 F . 15.92 12.64 8.23
CAA DX3 F . 15.93 13.91 8.15
CAA DX3 F . 17.30 12.18 8.75
NAF DX3 F . 13.75 14.95 7.65
NAF DX3 F . 15.65 13.96 8.23
C2 DX3 F . 11.07 17.97 7.20
C2 DX3 F . 12.08 15.42 6.93
NAD DX3 F . 10.20 18.96 7.06
NAD DX3 F . 10.91 15.89 6.50
NAE DX3 F . 11.20 14.45 6.74
NAE DX3 F . 15.31 16.67 7.75
PA NAP G . -20.72 6.89 13.85
O1A NAP G . -22.03 6.41 14.35
O2A NAP G . -20.88 7.73 12.64
O5B NAP G . -19.94 7.69 15.00
C5B NAP G . -19.79 7.07 16.26
C4B NAP G . -19.87 8.11 17.37
O4B NAP G . -18.86 9.09 17.20
C3B NAP G . -21.14 8.93 17.45
O3B NAP G . -22.18 8.23 18.10
C2B NAP G . -20.71 10.15 18.22
O2B NAP G . -21.09 10.11 19.58
C1B NAP G . -19.18 10.10 18.14
N9A NAP G . -18.72 11.46 17.80
C8A NAP G . -18.93 12.17 16.65
N7A NAP G . -18.36 13.39 16.80
C5A NAP G . -17.80 13.46 18.02
C6A NAP G . -17.09 14.45 18.69
N6A NAP G . -16.85 15.62 18.11
N1A NAP G . -16.62 14.21 19.96
C2A NAP G . -16.85 13.00 20.59
N3A NAP G . -17.56 12.01 19.92
C4A NAP G . -18.02 12.25 18.67
O3 NAP G . -19.78 5.62 13.58
PN NAP G . -20.15 4.18 12.96
O1N NAP G . -20.74 3.34 14.03
O2N NAP G . -20.88 4.40 11.69
O5D NAP G . -18.70 3.55 12.60
C5D NAP G . -17.78 3.19 13.62
C4D NAP G . -16.34 3.48 13.21
O4D NAP G . -16.01 2.80 12.01
C3D NAP G . -16.10 4.96 12.97
O3D NAP G . -14.82 5.33 13.44
C2D NAP G . -16.12 5.07 11.47
O2D NAP G . -15.39 6.16 10.95
C1D NAP G . -15.58 3.72 11.03
N1N NAP G . -16.15 3.41 9.72
C2N NAP G . -17.48 3.11 9.62
C3N NAP G . -18.04 2.83 8.38
C7N NAP G . -19.50 2.50 8.30
O7N NAP G . -20.04 2.00 7.08
N7N NAP G . -20.24 2.68 9.39
C4N NAP G . -17.23 2.89 7.25
C5N NAP G . -15.89 3.22 7.35
C6N NAP G . -15.35 3.47 8.60
P2B NAP G . -22.47 10.73 20.13
O1X NAP G . -22.59 10.40 21.61
O2X NAP G . -23.62 10.13 19.36
O3X NAP G . -22.47 12.22 19.96
C4 DX3 H . -18.86 5.75 5.73
C5 DX3 H . -20.21 5.76 6.08
C6 DX3 H . -20.57 6.07 7.39
N1 DX3 H . -19.60 6.35 8.29
N3 DX3 H . -17.93 6.04 6.66
NAI DX3 H . -18.48 5.45 4.41
CAO DX3 H . -19.41 4.74 3.50
CAB DX3 H . -19.17 3.25 3.63
CAC DX3 H . -19.18 5.20 2.07
CAJ DX3 H . -20.87 5.04 3.92
CAA DX3 H . -22.04 4.82 2.94
NAF DX3 H . -21.16 5.50 5.15
C2 DX3 H . -18.30 6.33 7.93
NAD DX3 H . -17.37 6.60 8.83
NAE DX3 H . -21.85 6.09 7.75
PA NAP I . -0.44 -5.20 -25.70
O1A NAP I . -0.72 -4.57 -27.00
O2A NAP I . -1.59 -5.96 -25.19
O5B NAP I . 0.87 -6.13 -25.82
C5B NAP I . 2.09 -5.55 -26.25
C4B NAP I . 2.95 -6.59 -26.96
O4B NAP I . 3.19 -7.72 -26.14
C3B NAP I . 2.33 -7.16 -28.23
O3B NAP I . 2.61 -6.35 -29.35
C2B NAP I . 2.96 -8.54 -28.34
O2B NAP I . 3.90 -8.67 -29.39
C1B NAP I . 3.68 -8.72 -27.01
N9A NAP I . 3.48 -10.11 -26.55
C8A NAP I . 2.30 -10.72 -26.17
N7A NAP I . 2.56 -12.01 -25.88
C5A NAP I . 3.88 -12.23 -26.08
C6A NAP I . 4.68 -13.37 -25.93
N6A NAP I . 4.15 -14.52 -25.52
N1A NAP I . 6.03 -13.29 -26.21
C2A NAP I . 6.60 -12.10 -26.63
N3A NAP I . 5.80 -10.98 -26.78
C4A NAP I . 4.47 -11.05 -26.51
O3 NAP I . 0.03 -4.10 -24.63
PN NAP I . -0.34 -2.54 -24.52
O1N NAP I . 0.37 -1.82 -25.60
O2N NAP I . -1.81 -2.42 -24.44
O5D NAP I . 0.30 -2.11 -23.10
C5D NAP I . 1.70 -2.13 -22.87
C4D NAP I . 2.04 -2.54 -21.44
O4D NAP I . 1.32 -1.77 -20.48
C3D NAP I . 1.70 -3.99 -21.16
O3D NAP I . 2.72 -4.55 -20.35
C2D NAP I . 0.40 -3.90 -20.40
O2D NAP I . 0.21 -4.99 -19.51
C1D NAP I . 0.53 -2.60 -19.64
N1N NAP I . -0.81 -2.02 -19.39
C2N NAP I . -1.58 -1.56 -20.41
C3N NAP I . -2.85 -1.03 -20.17
C7N NAP I . -3.69 -0.52 -21.30
O7N NAP I . -4.92 0.12 -21.03
N7N NAP I . -3.28 -0.70 -22.55
C4N NAP I . -3.32 -0.99 -18.87
C5N NAP I . -2.54 -1.47 -17.82
C6N NAP I . -1.28 -2.00 -18.09
P2B NAP I . 3.51 -9.08 -30.90
O1X NAP I . 2.37 -8.20 -31.35
O2X NAP I . 3.06 -10.52 -30.98
O3X NAP I . 4.72 -8.87 -31.77
C4 DX3 J . -6.06 -3.40 -19.30
C5 DX3 J . -6.50 -3.18 -20.61
C6 DX3 J . -5.68 -3.58 -21.67
N1 DX3 J . -4.49 -4.16 -21.40
N3 DX3 J . -4.86 -4.00 -19.09
NAI DX3 J . -6.85 -3.01 -18.21
CAO DX3 J . -8.18 -2.36 -18.40
CAB DX3 J . -8.17 -1.01 -17.68
CAC DX3 J . -9.25 -3.26 -17.79
CAJ DX3 J . -8.52 -2.18 -19.89
CAA DX3 J . -9.85 -1.51 -20.33
NAF DX3 J . -7.68 -2.59 -20.86
C2 DX3 J . -4.10 -4.37 -20.13
NAD DX3 J . -2.91 -4.95 -19.92
NAE DX3 J . -6.06 -3.38 -22.93
S1 DTT K . -11.10 -6.43 -18.68
C1 DTT K . -10.73 -6.22 -20.44
C2 DTT K . -11.88 -6.59 -21.39
O2 DTT K . -13.10 -6.75 -20.66
C3 DTT K . -11.61 -7.87 -22.20
O3 DTT K . -11.50 -8.99 -21.32
C4 DTT K . -10.37 -7.75 -23.10
S4 DTT K . -9.31 -9.21 -23.11
PA NAP L . 8.92 -23.73 5.17
O1A NAP L . 9.42 -24.59 6.26
O2A NAP L . 10.02 -22.95 4.57
O5B NAP L . 8.17 -24.59 4.05
C5B NAP L . 6.96 -25.24 4.36
C4B NAP L . 6.84 -26.52 3.55
O4B NAP L . 6.81 -26.23 2.17
C3B NAP L . 8.02 -27.47 3.69
O3B NAP L . 7.89 -28.29 4.83
C2B NAP L . 7.98 -28.26 2.41
O2B NAP L . 7.45 -29.56 2.57
C1B NAP L . 7.04 -27.45 1.51
N9A NAP L . 7.67 -27.34 0.19
C8A NAP L . 8.85 -26.72 -0.16
N7A NAP L . 9.06 -26.91 -1.48
C5A NAP L . 8.04 -27.64 -1.98
C6A NAP L . 7.75 -28.13 -3.25
N6A NAP L . 8.56 -27.88 -4.28
N1A NAP L . 6.61 -28.87 -3.44
C2A NAP L . 5.74 -29.14 -2.39
N3A NAP L . 6.04 -28.66 -1.14
C4A NAP L . 7.16 -27.93 -0.94
O3 NAP L . 7.76 -22.78 5.75
PN NAP L . 7.66 -22.11 7.20
O1N NAP L . 7.07 -23.08 8.15
O2N NAP L . 8.98 -21.49 7.48
O5D NAP L . 6.58 -20.92 7.00
C5D NAP L . 5.26 -21.20 6.58
C4D NAP L . 4.77 -20.14 5.60
O4D NAP L . 4.94 -18.84 6.13
C3D NAP L . 5.54 -20.20 4.28
O3D NAP L . 4.66 -20.11 3.20
C2D NAP L . 6.42 -18.97 4.34
O2D NAP L . 6.65 -18.41 3.07
C1D NAP L . 5.68 -18.02 5.26
N1N NAP L . 6.67 -17.22 5.99
C2N NAP L . 7.43 -17.77 6.99
C3N NAP L . 8.38 -17.00 7.67
C7N NAP L . 9.20 -17.61 8.77
O7N NAP L . 9.91 -16.81 9.55
N7N NAP L . 9.23 -19.02 8.94
C4N NAP L . 8.54 -15.66 7.33
C5N NAP L . 7.77 -15.11 6.31
C6N NAP L . 6.84 -15.89 5.64
P2B NAP L . 8.41 -30.81 2.92
O1X NAP L . 7.52 -32.01 3.20
O2X NAP L . 9.21 -30.49 4.15
O3X NAP L . 9.33 -31.10 1.77
C4 DX3 M . 10.99 -19.56 5.32
C4 DX3 M . 12.11 -16.02 5.92
C5 DX3 M . 10.87 -18.18 5.24
C5 DX3 M . 12.96 -16.95 6.52
C6 DX3 M . 10.09 -17.64 4.23
C6 DX3 M . 12.67 -18.31 6.40
N1 DX3 M . 9.47 -18.46 3.36
N1 DX3 M . 11.58 -18.68 5.71
N3 DX3 M . 10.35 -20.34 4.43
N3 DX3 M . 11.03 -16.45 5.25
NAI DX3 M . 11.77 -20.15 6.31
NAI DX3 M . 12.39 -14.66 6.04
CAO DX3 M . 12.71 -19.35 7.12
CAO DX3 M . 13.23 -14.16 7.15
CAB DX3 M . 14.13 -19.61 6.63
CAB DX3 M . 12.34 -13.90 8.36
CAC DX3 M . 12.55 -19.82 8.56
CAC DX3 M . 13.93 -12.87 6.70
CAJ DX3 M . 12.38 -17.85 7.03
CAJ DX3 M . 14.28 -15.26 7.52
CAA DX3 M . 13.05 -16.83 7.97
CAA DX3 M . 15.56 -14.91 8.28
NAF DX3 M . 11.51 -17.37 6.12
NAF DX3 M . 14.06 -16.54 7.20
C2 DX3 M . 9.59 -19.79 3.47
C2 DX3 M . 10.76 -17.77 5.15
NAD DX3 M . 8.99 -20.60 2.61
NAD DX3 M . 9.69 -18.17 4.48
NAE DX3 M . 9.96 -16.31 4.13
NAE DX3 M . 13.46 -19.23 6.94
#